data_6SA7
#
_entry.id   6SA7
#
_cell.length_a   54.470
_cell.length_b   167.540
_cell.length_c   95.030
_cell.angle_alpha   90.000
_cell.angle_beta   97.930
_cell.angle_gamma   90.000
#
_symmetry.space_group_name_H-M   'P 1 21 1'
#
_entity_poly.entity_id   1
_entity_poly.type   'polypeptide(L)'
_entity_poly.pdbx_seq_one_letter_code
;GPGSDLGKKLLEAARAGQDDEVRILLANGADVNTADETGFTPLHLAAWEGHLGIVEVLLKNGADVNANDERGHTPLHLAA
YTGHLEIVEVLLKNGAGVNATDVIGTAPLHLAAMWGHLEIVEVLLKNGADPKAQDKFGKTPKDLAKDNGHEDVAKLIDKK
AQEEEEEEEKKKKILKDLVKKLSSPNENELQNALWTLGNIASGGNEQIQAVIDAGALPALVQLLSSPNEQILQEALWALS
NIASGGNEQIQAVIDAGALPALVQLLSSPNEQILQEALWALSNIASGGNEQIQAVIDAGALPALVQLLSSPNEQILQEAL
WALSNIASGGNEQIQAVIDAGALPALVQLLSSPNEQILQEALWALSNIASGGNEQIQAVIDAGALPALVQLLSSPNEQIL
QEALWALSNIASGGNEQIQAVIDAGALPALVQLLSSPNEQILQEALWALSNIASGGNEQKQAVKEAGALEKLEQLQSHEN
EKIQKEAQEALEKLGSGGSGKRKRKRKRKR
;
_entity_poly.pdbx_strand_id   A,B
#
# COMPACT_ATOMS: atom_id res chain seq x y z
N ASP A 5 26.67 28.39 3.08
CA ASP A 5 25.87 28.33 1.86
C ASP A 5 26.66 27.61 0.76
N LEU A 6 26.39 26.32 0.58
CA LEU A 6 27.10 25.57 -0.45
C LEU A 6 26.57 25.86 -1.85
N GLY A 7 25.30 26.24 -1.97
CA GLY A 7 24.75 26.50 -3.29
C GLY A 7 25.37 27.72 -3.94
N LYS A 8 25.45 28.83 -3.21
CA LYS A 8 26.08 30.03 -3.73
C LYS A 8 27.55 29.82 -4.03
N LYS A 9 28.25 29.12 -3.12
CA LYS A 9 29.65 28.81 -3.35
C LYS A 9 29.83 27.99 -4.61
N LEU A 10 28.97 27.00 -4.84
CA LEU A 10 29.07 26.17 -6.04
C LEU A 10 28.78 26.99 -7.30
N LEU A 11 27.74 27.82 -7.27
CA LEU A 11 27.46 28.69 -8.41
C LEU A 11 28.67 29.55 -8.76
N GLU A 12 29.23 30.24 -7.76
CA GLU A 12 30.36 31.12 -8.02
C GLU A 12 31.58 30.34 -8.49
N ALA A 13 31.84 29.18 -7.88
CA ALA A 13 33.01 28.40 -8.29
C ALA A 13 32.88 27.92 -9.73
N ALA A 14 31.68 27.47 -10.11
CA ALA A 14 31.47 27.05 -11.48
C ALA A 14 31.65 28.22 -12.44
N ARG A 15 31.15 29.40 -12.05
CA ARG A 15 31.26 30.56 -12.93
C ARG A 15 32.72 30.99 -13.10
N ALA A 16 33.51 30.88 -12.03
CA ALA A 16 34.90 31.35 -12.08
C ALA A 16 35.82 30.40 -12.86
N GLY A 17 35.63 29.11 -12.70
CA GLY A 17 36.51 28.11 -13.27
C GLY A 17 37.32 27.30 -12.26
N GLN A 18 36.91 27.26 -10.99
CA GLN A 18 37.63 26.54 -9.95
C GLN A 18 37.18 25.08 -9.91
N ASP A 19 37.75 24.29 -10.83
CA ASP A 19 37.38 22.89 -10.93
C ASP A 19 37.56 22.15 -9.60
N ASP A 20 38.73 22.33 -8.98
CA ASP A 20 39.01 21.64 -7.73
C ASP A 20 37.98 22.00 -6.66
N GLU A 21 37.63 23.28 -6.57
CA GLU A 21 36.67 23.70 -5.55
C GLU A 21 35.27 23.17 -5.87
N VAL A 22 34.91 23.09 -7.14
CA VAL A 22 33.62 22.49 -7.50
C VAL A 22 33.58 21.04 -7.03
N ARG A 23 34.63 20.28 -7.33
CA ARG A 23 34.69 18.89 -6.88
C ARG A 23 34.56 18.81 -5.36
N ILE A 24 35.27 19.70 -4.65
CA ILE A 24 35.23 19.67 -3.20
C ILE A 24 33.83 19.94 -2.68
N LEU A 25 33.20 21.02 -3.17
CA LEU A 25 31.87 21.38 -2.70
C LEU A 25 30.85 20.30 -3.00
N LEU A 26 30.91 19.70 -4.20
CA LEU A 26 29.99 18.62 -4.53
C LEU A 26 30.22 17.42 -3.61
N ALA A 27 31.48 17.10 -3.32
CA ALA A 27 31.76 16.01 -2.40
C ALA A 27 31.28 16.33 -0.99
N ASN A 28 31.26 17.62 -0.63
CA ASN A 28 30.87 18.04 0.71
C ASN A 28 29.36 18.21 0.87
N GLY A 29 28.58 18.00 -0.19
CA GLY A 29 27.14 18.10 -0.11
C GLY A 29 26.52 19.27 -0.84
N ALA A 30 27.28 20.00 -1.66
CA ALA A 30 26.72 21.09 -2.43
C ALA A 30 25.77 20.52 -3.47
N ASP A 31 24.57 21.10 -3.58
CA ASP A 31 23.60 20.63 -4.56
C ASP A 31 24.10 20.93 -5.96
N VAL A 32 24.33 19.86 -6.74
CA VAL A 32 24.87 20.02 -8.08
C VAL A 32 23.90 20.79 -8.98
N ASN A 33 22.62 20.78 -8.65
CA ASN A 33 21.61 21.48 -9.43
C ASN A 33 21.10 22.74 -8.72
N THR A 34 21.94 23.32 -7.85
CA THR A 34 21.59 24.56 -7.18
C THR A 34 21.51 25.70 -8.19
N ALA A 35 20.41 26.45 -8.15
CA ALA A 35 20.16 27.57 -9.07
C ALA A 35 20.08 28.89 -8.32
N ASP A 36 20.42 29.97 -9.02
CA ASP A 36 20.34 31.31 -8.47
C ASP A 36 18.91 31.84 -8.66
N GLU A 37 18.72 33.15 -8.58
CA GLU A 37 17.36 33.71 -8.63
C GLU A 37 16.70 33.55 -10.00
N THR A 38 17.48 33.38 -11.06
CA THR A 38 16.95 33.33 -12.41
C THR A 38 16.83 31.91 -12.95
N GLY A 39 17.24 30.91 -12.18
CA GLY A 39 17.24 29.55 -12.64
C GLY A 39 18.52 29.10 -13.33
N PHE A 40 19.62 29.82 -13.12
CA PHE A 40 20.89 29.44 -13.73
C PHE A 40 21.64 28.53 -12.77
N THR A 41 21.91 27.32 -13.21
CA THR A 41 22.65 26.33 -12.45
C THR A 41 24.14 26.51 -12.67
N PRO A 42 24.98 25.91 -11.82
CA PRO A 42 26.41 25.91 -12.12
C PRO A 42 26.71 25.34 -13.50
N LEU A 43 25.84 24.46 -14.01
CA LEU A 43 26.03 23.94 -15.36
C LEU A 43 25.77 25.01 -16.41
N HIS A 44 24.69 25.79 -16.25
CA HIS A 44 24.47 26.93 -17.13
C HIS A 44 25.71 27.81 -17.16
N LEU A 45 26.23 28.16 -15.97
CA LEU A 45 27.37 29.07 -15.89
C LEU A 45 28.61 28.48 -16.52
N ALA A 46 28.86 27.18 -16.28
CA ALA A 46 30.04 26.54 -16.87
C ALA A 46 29.94 26.50 -18.39
N ALA A 47 28.76 26.19 -18.92
CA ALA A 47 28.59 26.17 -20.38
C ALA A 47 28.75 27.56 -20.96
N TRP A 48 28.28 28.57 -20.23
CA TRP A 48 28.33 29.94 -20.70
C TRP A 48 29.76 30.47 -20.73
N GLU A 49 30.51 30.22 -19.66
CA GLU A 49 31.84 30.82 -19.53
C GLU A 49 32.88 30.07 -20.36
N GLY A 50 32.70 28.78 -20.57
CA GLY A 50 33.63 27.99 -21.35
C GLY A 50 34.51 27.09 -20.51
N HIS A 51 33.95 26.53 -19.44
CA HIS A 51 34.68 25.63 -18.54
C HIS A 51 34.28 24.19 -18.85
N LEU A 52 34.84 23.66 -19.94
CA LEU A 52 34.50 22.32 -20.40
C LEU A 52 34.67 21.29 -19.28
N GLY A 53 35.81 21.35 -18.59
CA GLY A 53 36.05 20.40 -17.51
C GLY A 53 34.98 20.46 -16.42
N ILE A 54 34.60 21.69 -16.03
CA ILE A 54 33.58 21.82 -15.00
C ILE A 54 32.24 21.34 -15.51
N VAL A 55 31.94 21.55 -16.80
CA VAL A 55 30.72 21.01 -17.37
C VAL A 55 30.69 19.49 -17.19
N GLU A 56 31.77 18.82 -17.59
CA GLU A 56 31.83 17.38 -17.45
C GLU A 56 31.70 16.95 -16.00
N VAL A 57 32.40 17.65 -15.10
CA VAL A 57 32.36 17.30 -13.68
C VAL A 57 30.93 17.41 -13.15
N LEU A 58 30.28 18.55 -13.40
CA LEU A 58 28.92 18.76 -12.90
C LEU A 58 27.99 17.70 -13.46
N LEU A 59 28.12 17.37 -14.74
CA LEU A 59 27.29 16.31 -15.32
C LEU A 59 27.56 14.98 -14.63
N LYS A 60 28.81 14.73 -14.22
CA LYS A 60 29.14 13.48 -13.56
C LYS A 60 28.52 13.38 -12.18
N ASN A 61 28.28 14.51 -11.52
CA ASN A 61 27.70 14.51 -10.18
C ASN A 61 26.18 14.63 -10.18
N GLY A 62 25.55 14.48 -11.33
CA GLY A 62 24.09 14.50 -11.42
C GLY A 62 23.46 15.78 -11.88
N ALA A 63 24.20 16.65 -12.57
CA ALA A 63 23.62 17.90 -13.09
C ALA A 63 22.66 17.61 -14.23
N ASP A 64 21.49 18.25 -14.19
CA ASP A 64 20.48 18.12 -15.23
C ASP A 64 20.90 18.88 -16.48
N VAL A 65 21.13 18.15 -17.58
CA VAL A 65 21.65 18.77 -18.79
C VAL A 65 20.64 19.69 -19.47
N ASN A 66 19.34 19.50 -19.23
CA ASN A 66 18.30 20.31 -19.86
C ASN A 66 17.58 21.18 -18.85
N ALA A 67 18.28 21.59 -17.80
CA ALA A 67 17.67 22.47 -16.81
C ALA A 67 17.26 23.78 -17.48
N ASN A 68 16.02 24.19 -17.28
CA ASN A 68 15.50 25.42 -17.84
C ASN A 68 15.58 26.51 -16.79
N ASP A 69 15.99 27.70 -17.21
CA ASP A 69 15.98 28.85 -16.33
C ASP A 69 14.60 29.50 -16.39
N GLU A 70 14.46 30.68 -15.78
CA GLU A 70 13.17 31.34 -15.77
C GLU A 70 12.70 31.74 -17.17
N ARG A 71 13.62 31.83 -18.12
CA ARG A 71 13.30 32.18 -19.50
C ARG A 71 13.28 30.97 -20.43
N GLY A 72 13.57 29.78 -19.93
CA GLY A 72 13.57 28.58 -20.74
C GLY A 72 14.88 28.23 -21.40
N HIS A 73 15.98 28.85 -20.98
CA HIS A 73 17.28 28.57 -21.57
C HIS A 73 17.92 27.34 -20.93
N THR A 74 18.53 26.51 -21.78
CA THR A 74 19.29 25.36 -21.35
C THR A 74 20.78 25.64 -21.49
N PRO A 75 21.63 24.88 -20.79
CA PRO A 75 23.08 25.04 -21.01
C PRO A 75 23.46 24.88 -22.48
N LEU A 76 22.70 24.12 -23.25
CA LEU A 76 22.99 23.99 -24.68
C LEU A 76 22.70 25.29 -25.41
N HIS A 77 21.63 26.00 -25.06
CA HIS A 77 21.42 27.34 -25.61
C HIS A 77 22.66 28.20 -25.41
N LEU A 78 23.18 28.20 -24.19
CA LEU A 78 24.32 29.06 -23.87
C LEU A 78 25.56 28.62 -24.67
N ALA A 79 25.82 27.31 -24.71
CA ALA A 79 26.98 26.82 -25.44
C ALA A 79 26.86 27.15 -26.93
N ALA A 80 25.66 27.04 -27.49
CA ALA A 80 25.48 27.33 -28.90
C ALA A 80 25.68 28.82 -29.17
N TYR A 81 25.22 29.69 -28.29
CA TYR A 81 25.53 31.09 -28.51
C TYR A 81 27.04 31.32 -28.49
N THR A 82 27.67 30.96 -27.36
CA THR A 82 29.02 31.47 -27.09
C THR A 82 30.01 31.01 -28.15
N GLY A 83 29.79 29.84 -28.73
CA GLY A 83 30.72 29.28 -29.68
C GLY A 83 31.64 28.24 -29.11
N HIS A 84 31.35 27.72 -27.92
CA HIS A 84 32.18 26.69 -27.31
C HIS A 84 31.79 25.36 -27.94
N LEU A 85 32.42 25.07 -29.07
CA LEU A 85 32.11 23.86 -29.82
C LEU A 85 32.24 22.62 -28.96
N GLU A 86 33.32 22.53 -28.18
CA GLU A 86 33.55 21.33 -27.37
C GLU A 86 32.45 21.15 -26.34
N ILE A 87 31.99 22.25 -25.74
CA ILE A 87 30.93 22.15 -24.75
C ILE A 87 29.63 21.73 -25.40
N VAL A 88 29.35 22.22 -26.62
CA VAL A 88 28.18 21.77 -27.36
C VAL A 88 28.27 20.27 -27.59
N GLU A 89 29.44 19.79 -28.02
CA GLU A 89 29.65 18.37 -28.25
C GLU A 89 29.34 17.58 -26.99
N VAL A 90 29.93 17.98 -25.86
CA VAL A 90 29.77 17.24 -24.62
C VAL A 90 28.30 17.25 -24.18
N LEU A 91 27.66 18.42 -24.22
CA LEU A 91 26.27 18.52 -23.78
C LEU A 91 25.35 17.65 -24.64
N LEU A 92 25.55 17.69 -25.96
CA LEU A 92 24.74 16.83 -26.82
C LEU A 92 25.00 15.37 -26.52
N LYS A 93 26.25 15.02 -26.22
CA LYS A 93 26.56 13.65 -25.84
C LYS A 93 25.93 13.27 -24.52
N ASN A 94 25.66 14.24 -23.64
CA ASN A 94 25.04 13.97 -22.34
C ASN A 94 23.53 14.16 -22.36
N GLY A 95 22.92 14.22 -23.53
CA GLY A 95 21.47 14.26 -23.62
C GLY A 95 20.87 15.65 -23.62
N ALA A 96 21.57 16.64 -24.16
CA ALA A 96 21.02 17.98 -24.21
C ALA A 96 19.90 18.05 -25.25
N GLY A 97 18.86 18.82 -24.95
CA GLY A 97 17.74 18.95 -25.84
C GLY A 97 18.09 19.75 -27.07
N VAL A 98 18.47 19.04 -28.15
CA VAL A 98 18.94 19.72 -29.35
C VAL A 98 17.84 20.61 -29.93
N ASN A 99 16.58 20.26 -29.72
CA ASN A 99 15.45 21.05 -30.19
C ASN A 99 14.69 21.72 -29.05
N ALA A 100 15.29 21.82 -27.87
CA ALA A 100 14.66 22.51 -26.77
C ALA A 100 14.57 24.00 -27.09
N THR A 101 13.45 24.61 -26.71
CA THR A 101 13.18 26.01 -27.05
C THR A 101 12.96 26.82 -25.78
N ASP A 102 13.24 28.12 -25.89
CA ASP A 102 13.01 29.05 -24.80
C ASP A 102 11.64 29.71 -24.98
N VAL A 103 11.40 30.78 -24.23
CA VAL A 103 10.06 31.37 -24.23
C VAL A 103 9.76 32.11 -25.53
N ILE A 104 10.78 32.48 -26.31
CA ILE A 104 10.56 33.14 -27.58
C ILE A 104 10.84 32.21 -28.77
N GLY A 105 10.88 30.91 -28.53
CA GLY A 105 11.06 29.96 -29.62
C GLY A 105 12.46 29.90 -30.19
N THR A 106 13.46 30.35 -29.45
CA THR A 106 14.84 30.30 -29.92
C THR A 106 15.48 28.99 -29.48
N ALA A 107 15.96 28.22 -30.44
CA ALA A 107 16.66 26.98 -30.17
C ALA A 107 18.15 27.15 -30.42
N PRO A 108 19.00 26.31 -29.82
CA PRO A 108 20.45 26.47 -30.03
C PRO A 108 20.84 26.63 -31.49
N LEU A 109 20.09 26.00 -32.40
CA LEU A 109 20.39 26.15 -33.82
C LEU A 109 20.17 27.58 -34.27
N HIS A 110 19.08 28.22 -33.81
CA HIS A 110 18.86 29.63 -34.10
C HIS A 110 20.06 30.46 -33.67
N LEU A 111 20.56 30.21 -32.46
CA LEU A 111 21.69 30.97 -31.96
C LEU A 111 22.92 30.76 -32.83
N ALA A 112 23.28 29.51 -33.10
CA ALA A 112 24.46 29.23 -33.90
C ALA A 112 24.37 29.89 -35.27
N ALA A 113 23.16 29.93 -35.84
CA ALA A 113 22.99 30.53 -37.16
C ALA A 113 23.05 32.05 -37.12
N MET A 114 22.55 32.66 -36.03
CA MET A 114 22.58 34.12 -35.93
C MET A 114 24.01 34.64 -35.88
N TRP A 115 24.90 33.92 -35.23
CA TRP A 115 26.28 34.37 -34.99
C TRP A 115 27.28 33.68 -35.90
N GLY A 116 26.81 32.90 -36.87
CA GLY A 116 27.71 32.28 -37.83
C GLY A 116 28.63 31.23 -37.25
N HIS A 117 28.16 30.46 -36.26
CA HIS A 117 28.96 29.38 -35.69
C HIS A 117 28.77 28.14 -36.57
N LEU A 118 29.55 28.08 -37.64
CA LEU A 118 29.42 27.01 -38.62
C LEU A 118 29.59 25.64 -37.97
N GLU A 119 30.65 25.48 -37.19
CA GLU A 119 30.91 24.20 -36.53
C GLU A 119 29.72 23.78 -35.69
N ILE A 120 29.19 24.70 -34.88
CA ILE A 120 28.09 24.34 -34.01
C ILE A 120 26.84 24.07 -34.81
N VAL A 121 26.64 24.78 -35.93
CA VAL A 121 25.49 24.50 -36.79
C VAL A 121 25.55 23.06 -37.30
N GLU A 122 26.71 22.67 -37.83
CA GLU A 122 26.86 21.31 -38.33
C GLU A 122 26.65 20.28 -37.21
N VAL A 123 27.26 20.52 -36.05
CA VAL A 123 27.12 19.57 -34.94
C VAL A 123 25.66 19.42 -34.55
N LEU A 124 24.96 20.55 -34.37
CA LEU A 124 23.57 20.50 -33.95
C LEU A 124 22.71 19.78 -34.98
N LEU A 125 22.92 20.06 -36.27
CA LEU A 125 22.15 19.35 -37.29
C LEU A 125 22.44 17.86 -37.26
N LYS A 126 23.71 17.50 -37.01
CA LYS A 126 24.07 16.08 -36.95
C LYS A 126 23.47 15.39 -35.73
N ASN A 127 23.24 16.14 -34.65
CA ASN A 127 22.67 15.59 -33.43
C ASN A 127 21.16 15.74 -33.37
N GLY A 128 20.53 16.07 -34.49
CA GLY A 128 19.08 16.09 -34.59
C GLY A 128 18.42 17.45 -34.52
N ALA A 129 19.17 18.53 -34.74
CA ALA A 129 18.55 19.86 -34.73
C ALA A 129 17.63 19.98 -35.95
N ASP A 130 16.38 20.34 -35.69
CA ASP A 130 15.41 20.49 -36.77
C ASP A 130 15.74 21.74 -37.58
N PRO A 131 16.19 21.62 -38.83
CA PRO A 131 16.53 22.83 -39.59
C PRO A 131 15.36 23.76 -39.78
N LYS A 132 14.12 23.27 -39.69
CA LYS A 132 12.95 24.06 -40.01
C LYS A 132 12.21 24.58 -38.76
N ALA A 133 12.80 24.45 -37.58
CA ALA A 133 12.15 24.96 -36.37
C ALA A 133 12.06 26.48 -36.45
N GLN A 134 10.86 27.01 -36.30
CA GLN A 134 10.64 28.46 -36.32
C GLN A 134 10.64 29.00 -34.89
N ASP A 135 10.97 30.28 -34.77
CA ASP A 135 10.94 30.95 -33.48
C ASP A 135 9.70 31.85 -33.42
N LYS A 136 9.62 32.68 -32.37
CA LYS A 136 8.46 33.53 -32.17
C LYS A 136 8.27 34.53 -33.29
N PHE A 137 9.28 34.78 -34.10
CA PHE A 137 9.20 35.73 -35.21
C PHE A 137 8.98 35.05 -36.55
N GLY A 138 8.75 33.74 -36.56
CA GLY A 138 8.64 33.03 -37.82
C GLY A 138 9.96 32.92 -38.54
N LYS A 139 11.05 32.79 -37.79
CA LYS A 139 12.40 32.76 -38.34
C LYS A 139 13.02 31.41 -38.06
N THR A 140 13.47 30.74 -39.10
CA THR A 140 14.24 29.51 -38.98
C THR A 140 15.71 29.85 -38.84
N PRO A 141 16.53 28.90 -38.38
CA PRO A 141 17.98 29.16 -38.32
C PRO A 141 18.54 29.67 -39.64
N LYS A 142 18.07 29.13 -40.77
CA LYS A 142 18.50 29.64 -42.07
C LYS A 142 18.02 31.06 -42.30
N ASP A 143 16.77 31.37 -41.90
CA ASP A 143 16.27 32.74 -42.03
C ASP A 143 17.15 33.73 -41.27
N LEU A 144 17.54 33.37 -40.04
CA LEU A 144 18.34 34.28 -39.24
C LEU A 144 19.77 34.38 -39.78
N ALA A 145 20.31 33.25 -40.28
CA ALA A 145 21.62 33.31 -40.91
C ALA A 145 21.61 34.26 -42.11
N LYS A 146 20.54 34.22 -42.90
CA LYS A 146 20.47 35.08 -44.08
C LYS A 146 20.27 36.55 -43.67
N ASP A 147 19.39 36.79 -42.69
CA ASP A 147 19.14 38.15 -42.25
C ASP A 147 20.40 38.78 -41.67
N ASN A 148 21.28 37.99 -41.07
CA ASN A 148 22.53 38.50 -40.51
C ASN A 148 23.71 38.31 -41.47
N GLY A 149 23.45 37.95 -42.72
CA GLY A 149 24.48 37.93 -43.74
C GLY A 149 25.46 36.79 -43.67
N HIS A 150 25.09 35.68 -43.02
CA HIS A 150 25.98 34.52 -42.91
C HIS A 150 25.70 33.53 -44.04
N GLU A 151 26.14 33.90 -45.24
CA GLU A 151 25.96 33.04 -46.40
C GLU A 151 26.53 31.65 -46.15
N ASP A 152 27.64 31.58 -45.39
CA ASP A 152 28.25 30.29 -45.11
C ASP A 152 27.26 29.34 -44.46
N VAL A 153 26.57 29.81 -43.43
CA VAL A 153 25.66 28.95 -42.67
C VAL A 153 24.46 28.56 -43.51
N ALA A 154 23.92 29.50 -44.28
CA ALA A 154 22.76 29.17 -45.12
C ALA A 154 23.12 28.11 -46.16
N LYS A 155 24.27 28.26 -46.82
CA LYS A 155 24.69 27.25 -47.77
C LYS A 155 25.02 25.93 -47.08
N LEU A 156 25.54 25.97 -45.86
CA LEU A 156 25.77 24.74 -45.11
C LEU A 156 24.46 24.01 -44.84
N ILE A 157 23.41 24.75 -44.48
CA ILE A 157 22.11 24.15 -44.23
C ILE A 157 21.57 23.53 -45.51
N ASP A 158 21.65 24.29 -46.61
CA ASP A 158 21.21 23.76 -47.89
C ASP A 158 21.97 22.49 -48.23
N LYS A 159 23.26 22.46 -47.96
CA LYS A 159 24.07 21.28 -48.27
C LYS A 159 23.64 20.09 -47.43
N LYS A 160 23.40 20.30 -46.13
CA LYS A 160 22.95 19.21 -45.28
C LYS A 160 21.63 18.66 -45.80
N ALA A 161 20.71 19.54 -46.20
CA ALA A 161 19.41 19.08 -46.71
C ALA A 161 19.59 18.30 -48.01
N GLN A 162 20.49 18.77 -48.88
CA GLN A 162 20.66 18.12 -50.18
C GLN A 162 21.26 16.73 -49.97
N GLU A 163 22.26 16.63 -49.08
CA GLU A 163 22.89 15.35 -48.82
C GLU A 163 21.88 14.37 -48.23
N GLU A 164 21.03 14.86 -47.32
CA GLU A 164 20.01 14.01 -46.73
C GLU A 164 19.09 13.45 -47.82
N GLU A 165 18.61 14.32 -48.71
CA GLU A 165 17.72 13.87 -49.76
C GLU A 165 18.41 12.89 -50.71
N GLU A 166 19.69 13.15 -51.04
CA GLU A 166 20.42 12.24 -51.91
C GLU A 166 20.56 10.86 -51.29
N GLU A 167 20.89 10.82 -49.99
CA GLU A 167 21.05 9.53 -49.32
C GLU A 167 19.72 8.78 -49.26
N GLU A 168 18.63 9.49 -48.95
CA GLU A 168 17.32 8.84 -48.95
C GLU A 168 17.01 8.22 -50.32
N GLU A 169 17.26 8.97 -51.39
CA GLU A 169 16.93 8.47 -52.72
C GLU A 169 17.79 7.27 -53.10
N LYS A 170 19.09 7.33 -52.82
CA LYS A 170 19.97 6.19 -53.12
C LYS A 170 19.56 4.95 -52.32
N LYS A 171 19.24 5.12 -51.04
CA LYS A 171 18.79 3.99 -50.23
C LYS A 171 17.55 3.36 -50.82
N LYS A 172 16.55 4.17 -51.18
CA LYS A 172 15.34 3.63 -51.79
C LYS A 172 15.65 2.89 -53.08
N LYS A 173 16.55 3.46 -53.90
CA LYS A 173 16.94 2.81 -55.16
C LYS A 173 17.51 1.44 -54.91
N ILE A 174 18.44 1.33 -53.94
CA ILE A 174 19.07 0.05 -53.68
C ILE A 174 18.05 -0.96 -53.13
N LEU A 175 17.16 -0.51 -52.24
CA LEU A 175 16.18 -1.45 -51.70
C LEU A 175 15.23 -1.96 -52.78
N LYS A 176 14.80 -1.09 -53.68
CA LYS A 176 13.97 -1.53 -54.79
C LYS A 176 14.73 -2.50 -55.69
N ASP A 177 16.03 -2.24 -55.91
CA ASP A 177 16.83 -3.15 -56.71
C ASP A 177 16.90 -4.53 -56.07
N LEU A 178 17.04 -4.58 -54.74
CA LEU A 178 17.08 -5.86 -54.04
C LEU A 178 15.74 -6.59 -54.17
N VAL A 179 14.64 -5.85 -53.97
CA VAL A 179 13.33 -6.48 -54.11
C VAL A 179 13.13 -7.01 -55.52
N LYS A 180 13.71 -6.34 -56.52
CA LYS A 180 13.64 -6.85 -57.89
C LYS A 180 14.50 -8.10 -58.08
N LYS A 181 15.71 -8.08 -57.54
CA LYS A 181 16.58 -9.25 -57.62
C LYS A 181 15.93 -10.48 -57.00
N LEU A 182 15.02 -10.28 -56.05
CA LEU A 182 14.35 -11.42 -55.43
C LEU A 182 13.60 -12.30 -56.43
N SER A 183 13.27 -11.79 -57.62
CA SER A 183 12.57 -12.58 -58.63
C SER A 183 13.49 -13.03 -59.77
N SER A 184 14.80 -13.00 -59.54
CA SER A 184 15.76 -13.32 -60.58
C SER A 184 15.75 -14.81 -60.92
N PRO A 185 16.06 -15.17 -62.16
CA PRO A 185 16.33 -16.57 -62.48
C PRO A 185 17.77 -16.99 -62.15
N ASN A 186 18.65 -16.03 -61.86
CA ASN A 186 20.00 -16.36 -61.46
C ASN A 186 19.99 -16.72 -59.97
N GLU A 187 20.57 -17.86 -59.63
CA GLU A 187 20.54 -18.32 -58.25
C GLU A 187 21.39 -17.43 -57.35
N ASN A 188 22.65 -17.23 -57.71
CA ASN A 188 23.56 -16.48 -56.83
C ASN A 188 23.13 -15.03 -56.67
N GLU A 189 22.66 -14.39 -57.75
CA GLU A 189 22.19 -13.02 -57.66
C GLU A 189 21.10 -12.86 -56.59
N LEU A 190 20.02 -13.64 -56.76
CA LEU A 190 18.91 -13.56 -55.82
C LEU A 190 19.33 -13.97 -54.42
N GLN A 191 20.17 -14.99 -54.30
CA GLN A 191 20.58 -15.44 -52.97
C GLN A 191 21.34 -14.34 -52.24
N ASN A 192 22.20 -13.62 -52.96
CA ASN A 192 22.88 -12.49 -52.34
C ASN A 192 21.90 -11.42 -51.88
N ALA A 193 20.98 -11.01 -52.76
CA ALA A 193 20.01 -10.00 -52.35
C ALA A 193 19.23 -10.47 -51.12
N LEU A 194 18.91 -11.76 -51.06
CA LEU A 194 18.22 -12.30 -49.90
C LEU A 194 19.02 -12.04 -48.64
N TRP A 195 20.29 -12.46 -48.64
CA TRP A 195 21.09 -12.29 -47.44
C TRP A 195 21.20 -10.82 -47.04
N THR A 196 21.46 -9.93 -48.00
CA THR A 196 21.66 -8.54 -47.63
C THR A 196 20.37 -7.94 -47.07
N LEU A 197 19.22 -8.27 -47.67
CA LEU A 197 17.95 -7.80 -47.12
C LEU A 197 17.77 -8.27 -45.69
N GLY A 198 18.10 -9.52 -45.40
CA GLY A 198 18.03 -9.98 -44.03
C GLY A 198 18.88 -9.10 -43.13
N ASN A 199 20.09 -8.77 -43.58
CA ASN A 199 20.95 -7.92 -42.76
C ASN A 199 20.29 -6.57 -42.48
N ILE A 200 19.77 -5.90 -43.51
CA ILE A 200 19.09 -4.63 -43.27
C ILE A 200 18.00 -4.81 -42.23
N ALA A 201 17.17 -5.84 -42.40
CA ALA A 201 16.03 -6.06 -41.51
C ALA A 201 16.45 -6.36 -40.07
N SER A 202 17.68 -6.81 -39.86
CA SER A 202 18.17 -7.11 -38.51
C SER A 202 18.74 -5.91 -37.78
N GLY A 203 18.70 -4.71 -38.37
CA GLY A 203 19.20 -3.53 -37.70
C GLY A 203 18.25 -2.84 -36.74
N GLY A 204 17.01 -3.29 -36.65
CA GLY A 204 16.01 -2.66 -35.82
C GLY A 204 14.77 -2.33 -36.63
N ASN A 205 13.73 -1.91 -35.90
CA ASN A 205 12.41 -1.78 -36.53
C ASN A 205 12.39 -0.70 -37.62
N GLU A 206 13.21 0.34 -37.48
CA GLU A 206 13.22 1.37 -38.52
C GLU A 206 13.63 0.78 -39.87
N GLN A 207 14.72 0.03 -39.91
CA GLN A 207 15.16 -0.59 -41.16
C GLN A 207 14.10 -1.54 -41.70
N ILE A 208 13.47 -2.29 -40.80
CA ILE A 208 12.45 -3.25 -41.20
C ILE A 208 11.36 -2.57 -42.00
N GLN A 209 10.88 -1.40 -41.54
CA GLN A 209 9.81 -0.79 -42.31
C GLN A 209 10.30 -0.34 -43.69
N ALA A 210 11.57 0.08 -43.81
CA ALA A 210 12.12 0.42 -45.12
C ALA A 210 12.00 -0.76 -46.06
N VAL A 211 12.47 -1.93 -45.62
CA VAL A 211 12.37 -3.13 -46.45
C VAL A 211 10.91 -3.41 -46.80
N ILE A 212 10.04 -3.40 -45.79
CA ILE A 212 8.64 -3.76 -46.01
C ILE A 212 7.99 -2.82 -47.02
N ASP A 213 8.24 -1.51 -46.87
CA ASP A 213 7.66 -0.53 -47.78
C ASP A 213 8.18 -0.71 -49.19
N ALA A 214 9.45 -1.11 -49.35
CA ALA A 214 9.95 -1.37 -50.68
C ALA A 214 9.24 -2.55 -51.36
N GLY A 215 8.47 -3.34 -50.61
CA GLY A 215 7.71 -4.42 -51.20
C GLY A 215 8.40 -5.77 -51.21
N ALA A 216 9.24 -6.06 -50.21
CA ALA A 216 9.96 -7.32 -50.17
C ALA A 216 9.12 -8.46 -49.61
N LEU A 217 8.10 -8.14 -48.80
CA LEU A 217 7.29 -9.18 -48.16
C LEU A 217 6.70 -10.19 -49.12
N PRO A 218 5.98 -9.80 -50.17
CA PRO A 218 5.38 -10.82 -51.05
C PRO A 218 6.42 -11.64 -51.77
N ALA A 219 7.53 -11.02 -52.18
CA ALA A 219 8.61 -11.75 -52.84
C ALA A 219 9.19 -12.81 -51.91
N LEU A 220 9.44 -12.44 -50.66
CA LEU A 220 9.93 -13.40 -49.67
C LEU A 220 8.94 -14.54 -49.48
N VAL A 221 7.66 -14.22 -49.34
CA VAL A 221 6.67 -15.29 -49.20
C VAL A 221 6.71 -16.21 -50.40
N GLN A 222 6.90 -15.66 -51.60
CA GLN A 222 6.98 -16.52 -52.78
C GLN A 222 8.17 -17.46 -52.67
N LEU A 223 9.32 -16.94 -52.22
CA LEU A 223 10.48 -17.81 -52.08
C LEU A 223 10.26 -18.91 -51.06
N LEU A 224 9.37 -18.71 -50.10
CA LEU A 224 9.14 -19.75 -49.11
C LEU A 224 8.79 -21.11 -49.72
N SER A 225 8.33 -21.14 -50.96
CA SER A 225 7.96 -22.39 -51.62
C SER A 225 9.06 -22.93 -52.52
N SER A 226 10.26 -22.35 -52.46
CA SER A 226 11.32 -22.74 -53.36
C SER A 226 11.81 -24.17 -53.05
N PRO A 227 12.36 -24.86 -54.04
CA PRO A 227 12.95 -26.19 -53.80
C PRO A 227 14.43 -26.15 -53.52
N ASN A 228 15.01 -24.96 -53.49
CA ASN A 228 16.42 -24.74 -53.20
C ASN A 228 16.57 -24.47 -51.71
N GLU A 229 17.00 -25.49 -50.96
CA GLU A 229 17.06 -25.38 -49.50
C GLU A 229 17.90 -24.18 -49.05
N GLN A 230 18.98 -23.87 -49.77
CA GLN A 230 19.76 -22.68 -49.43
C GLN A 230 18.90 -21.42 -49.54
N ILE A 231 18.24 -21.25 -50.69
CA ILE A 231 17.35 -20.11 -50.89
C ILE A 231 16.28 -20.06 -49.82
N LEU A 232 15.66 -21.21 -49.55
CA LEU A 232 14.57 -21.28 -48.58
C LEU A 232 15.03 -20.82 -47.20
N GLN A 233 16.17 -21.35 -46.74
CA GLN A 233 16.66 -20.92 -45.44
C GLN A 233 16.89 -19.42 -45.40
N GLU A 234 17.50 -18.87 -46.46
CA GLU A 234 17.77 -17.43 -46.46
C GLU A 234 16.46 -16.63 -46.37
N ALA A 235 15.42 -17.09 -47.07
CA ALA A 235 14.13 -16.42 -47.03
C ALA A 235 13.51 -16.50 -45.64
N LEU A 236 13.54 -17.68 -45.02
CA LEU A 236 12.99 -17.83 -43.68
C LEU A 236 13.71 -16.92 -42.71
N TRP A 237 15.03 -16.82 -42.84
CA TRP A 237 15.79 -15.95 -41.96
C TRP A 237 15.32 -14.51 -42.10
N ALA A 238 15.20 -14.02 -43.35
CA ALA A 238 14.75 -12.65 -43.56
C ALA A 238 13.37 -12.41 -42.95
N LEU A 239 12.46 -13.39 -43.12
CA LEU A 239 11.12 -13.22 -42.57
C LEU A 239 11.12 -13.17 -41.05
N SER A 240 11.86 -14.09 -40.40
CA SER A 240 11.93 -14.04 -38.95
C SER A 240 12.47 -12.69 -38.50
N ASN A 241 13.51 -12.20 -39.17
CA ASN A 241 14.09 -10.93 -38.78
C ASN A 241 13.06 -9.80 -38.88
N ILE A 242 12.35 -9.71 -40.01
CA ILE A 242 11.41 -8.62 -40.14
C ILE A 242 10.23 -8.79 -39.17
N ALA A 243 9.94 -10.03 -38.77
CA ALA A 243 8.90 -10.25 -37.76
C ALA A 243 9.40 -9.99 -36.36
N SER A 244 10.70 -9.77 -36.18
CA SER A 244 11.19 -9.37 -34.87
C SER A 244 10.79 -7.94 -34.50
N GLY A 245 10.16 -7.20 -35.40
CA GLY A 245 9.85 -5.80 -35.18
C GLY A 245 8.54 -5.56 -34.47
N GLY A 246 7.92 -4.44 -34.80
CA GLY A 246 6.69 -4.05 -34.14
C GLY A 246 5.55 -4.97 -34.54
N ASN A 247 4.43 -4.83 -33.82
CA ASN A 247 3.28 -5.69 -34.07
C ASN A 247 2.59 -5.35 -35.38
N GLU A 248 2.66 -4.10 -35.82
CA GLU A 248 2.14 -3.77 -37.14
C GLU A 248 2.95 -4.45 -38.24
N GLN A 249 4.27 -4.55 -38.04
CA GLN A 249 5.13 -5.21 -39.03
C GLN A 249 4.91 -6.72 -38.99
N ILE A 250 4.71 -7.28 -37.81
CA ILE A 250 4.34 -8.69 -37.73
C ILE A 250 3.04 -8.93 -38.49
N GLN A 251 2.09 -8.01 -38.35
CA GLN A 251 0.82 -8.18 -39.07
C GLN A 251 1.01 -8.03 -40.57
N ALA A 252 1.95 -7.20 -40.99
CA ALA A 252 2.31 -7.15 -42.42
C ALA A 252 2.81 -8.51 -42.89
N VAL A 253 3.75 -9.10 -42.15
CA VAL A 253 4.24 -10.44 -42.49
C VAL A 253 3.09 -11.42 -42.57
N ILE A 254 2.13 -11.32 -41.65
CA ILE A 254 1.01 -12.25 -41.64
C ILE A 254 0.13 -12.05 -42.86
N ASP A 255 -0.11 -10.79 -43.23
CA ASP A 255 -0.96 -10.50 -44.38
C ASP A 255 -0.33 -11.00 -45.67
N ALA A 256 1.01 -10.95 -45.76
CA ALA A 256 1.70 -11.49 -46.94
C ALA A 256 1.45 -12.98 -47.13
N GLY A 257 0.89 -13.67 -46.13
CA GLY A 257 0.54 -15.07 -46.27
C GLY A 257 1.67 -16.02 -45.90
N ALA A 258 2.43 -15.65 -44.87
CA ALA A 258 3.60 -16.44 -44.51
C ALA A 258 3.24 -17.60 -43.59
N LEU A 259 2.20 -17.44 -42.78
CA LEU A 259 1.90 -18.44 -41.77
C LEU A 259 1.62 -19.82 -42.34
N PRO A 260 0.86 -19.95 -43.44
CA PRO A 260 0.62 -21.31 -43.96
C PRO A 260 1.90 -22.04 -44.33
N ALA A 261 2.78 -21.37 -45.08
CA ALA A 261 4.04 -22.00 -45.46
C ALA A 261 4.87 -22.35 -44.23
N LEU A 262 4.88 -21.48 -43.22
CA LEU A 262 5.66 -21.74 -42.02
C LEU A 262 5.12 -22.97 -41.29
N VAL A 263 3.82 -23.00 -41.03
CA VAL A 263 3.28 -24.17 -40.34
C VAL A 263 3.55 -25.41 -41.17
N GLN A 264 3.56 -25.27 -42.50
CA GLN A 264 3.87 -26.41 -43.35
C GLN A 264 5.30 -26.90 -43.10
N LEU A 265 6.25 -25.96 -43.15
CA LEU A 265 7.66 -26.30 -42.93
C LEU A 265 7.90 -26.86 -41.55
N LEU A 266 6.97 -26.65 -40.61
CA LEU A 266 7.18 -27.26 -39.30
C LEU A 266 7.35 -28.77 -39.42
N SER A 267 6.71 -29.39 -40.41
CA SER A 267 6.86 -30.82 -40.67
C SER A 267 8.04 -31.12 -41.60
N SER A 268 8.98 -30.19 -41.70
CA SER A 268 10.13 -30.34 -42.59
C SER A 268 11.10 -31.38 -42.08
N PRO A 269 11.74 -32.16 -42.97
CA PRO A 269 12.79 -33.08 -42.52
C PRO A 269 14.17 -32.45 -42.36
N ASN A 270 14.37 -31.21 -42.79
CA ASN A 270 15.67 -30.55 -42.69
C ASN A 270 15.71 -29.69 -41.42
N GLU A 271 16.60 -30.05 -40.50
CA GLU A 271 16.60 -29.42 -39.18
C GLU A 271 16.87 -27.92 -39.23
N GLN A 272 17.64 -27.46 -40.20
CA GLN A 272 17.91 -26.03 -40.28
C GLN A 272 16.70 -25.26 -40.78
N ILE A 273 16.03 -25.80 -41.81
CA ILE A 273 14.78 -25.21 -42.28
C ILE A 273 13.75 -25.18 -41.16
N LEU A 274 13.64 -26.28 -40.41
CA LEU A 274 12.66 -26.36 -39.32
C LEU A 274 12.98 -25.34 -38.22
N GLN A 275 14.26 -25.24 -37.85
CA GLN A 275 14.64 -24.23 -36.86
C GLN A 275 14.30 -22.83 -37.33
N GLU A 276 14.54 -22.53 -38.61
CA GLU A 276 14.23 -21.20 -39.11
C GLU A 276 12.72 -20.95 -39.12
N ALA A 277 11.93 -21.96 -39.46
CA ALA A 277 10.48 -21.79 -39.45
C ALA A 277 9.97 -21.54 -38.03
N LEU A 278 10.53 -22.26 -37.04
CA LEU A 278 10.12 -22.04 -35.66
C LEU A 278 10.52 -20.65 -35.19
N TRP A 279 11.73 -20.21 -35.54
CA TRP A 279 12.14 -18.85 -35.20
C TRP A 279 11.15 -17.85 -35.74
N ALA A 280 10.78 -18.00 -37.03
CA ALA A 280 9.85 -17.05 -37.63
C ALA A 280 8.51 -17.06 -36.90
N LEU A 281 7.98 -18.25 -36.60
CA LEU A 281 6.69 -18.32 -35.92
C LEU A 281 6.76 -17.65 -34.56
N SER A 282 7.83 -17.90 -33.82
CA SER A 282 7.97 -17.33 -32.48
C SER A 282 8.06 -15.82 -32.54
N ASN A 283 8.83 -15.27 -33.47
CA ASN A 283 8.89 -13.83 -33.61
C ASN A 283 7.52 -13.27 -33.98
N ILE A 284 6.76 -14.00 -34.80
CA ILE A 284 5.40 -13.55 -35.11
C ILE A 284 4.56 -13.51 -33.84
N ALA A 285 4.62 -14.57 -33.04
CA ALA A 285 3.78 -14.66 -31.84
C ALA A 285 4.19 -13.70 -30.72
N SER A 286 5.32 -12.99 -30.86
CA SER A 286 5.65 -11.97 -29.88
C SER A 286 4.73 -10.75 -29.98
N GLY A 287 3.86 -10.70 -30.97
CA GLY A 287 2.96 -9.57 -31.14
C GLY A 287 1.77 -9.64 -30.21
N GLY A 288 0.70 -8.94 -30.61
CA GLY A 288 -0.51 -8.86 -29.81
C GLY A 288 -1.38 -10.09 -29.92
N ASN A 289 -2.52 -10.03 -29.23
CA ASN A 289 -3.41 -11.18 -29.22
C ASN A 289 -3.95 -11.50 -30.60
N GLU A 290 -4.08 -10.50 -31.48
CA GLU A 290 -4.59 -10.77 -32.81
C GLU A 290 -3.59 -11.59 -33.62
N GLN A 291 -2.31 -11.21 -33.60
CA GLN A 291 -1.31 -11.99 -34.32
C GLN A 291 -1.21 -13.40 -33.73
N ILE A 292 -1.26 -13.53 -32.41
CA ILE A 292 -1.18 -14.85 -31.78
C ILE A 292 -2.37 -15.71 -32.19
N GLN A 293 -3.57 -15.12 -32.25
CA GLN A 293 -4.73 -15.89 -32.66
C GLN A 293 -4.64 -16.26 -34.13
N ALA A 294 -4.00 -15.41 -34.94
CA ALA A 294 -3.73 -15.76 -36.32
C ALA A 294 -2.82 -16.99 -36.40
N VAL A 295 -1.76 -17.01 -35.58
CA VAL A 295 -0.87 -18.15 -35.57
C VAL A 295 -1.63 -19.41 -35.15
N ILE A 296 -2.54 -19.27 -34.18
CA ILE A 296 -3.30 -20.42 -33.74
C ILE A 296 -4.20 -20.93 -34.86
N ASP A 297 -4.89 -20.01 -35.53
CA ASP A 297 -5.81 -20.38 -36.60
C ASP A 297 -5.09 -21.06 -37.75
N ALA A 298 -3.80 -20.75 -37.95
CA ALA A 298 -3.00 -21.41 -38.96
C ALA A 298 -2.66 -22.85 -38.61
N GLY A 299 -3.05 -23.33 -37.43
CA GLY A 299 -2.80 -24.71 -37.05
C GLY A 299 -1.41 -25.00 -36.55
N ALA A 300 -0.77 -24.03 -35.89
CA ALA A 300 0.61 -24.21 -35.46
C ALA A 300 0.73 -25.01 -34.17
N LEU A 301 -0.22 -24.83 -33.25
CA LEU A 301 -0.08 -25.45 -31.93
C LEU A 301 0.09 -26.96 -32.00
N PRO A 302 -0.66 -27.70 -32.81
CA PRO A 302 -0.48 -29.16 -32.85
C PRO A 302 0.95 -29.56 -33.17
N ALA A 303 1.54 -28.94 -34.19
CA ALA A 303 2.90 -29.27 -34.58
C ALA A 303 3.91 -28.87 -33.51
N LEU A 304 3.68 -27.74 -32.84
CA LEU A 304 4.61 -27.35 -31.79
C LEU A 304 4.58 -28.34 -30.62
N VAL A 305 3.37 -28.68 -30.17
CA VAL A 305 3.24 -29.67 -29.10
C VAL A 305 3.84 -30.99 -29.54
N GLN A 306 3.65 -31.37 -30.81
CA GLN A 306 4.26 -32.58 -31.33
C GLN A 306 5.79 -32.49 -31.28
N LEU A 307 6.34 -31.32 -31.64
CA LEU A 307 7.78 -31.14 -31.62
C LEU A 307 8.34 -31.12 -30.21
N LEU A 308 7.50 -30.91 -29.20
CA LEU A 308 7.96 -30.98 -27.82
C LEU A 308 8.63 -32.32 -27.51
N SER A 309 8.32 -33.38 -28.25
CA SER A 309 8.96 -34.67 -28.07
C SER A 309 10.19 -34.83 -28.97
N SER A 310 10.75 -33.74 -29.46
CA SER A 310 11.90 -33.82 -30.34
C SER A 310 13.16 -34.16 -29.55
N PRO A 311 14.08 -34.93 -30.14
CA PRO A 311 15.38 -35.15 -29.48
C PRO A 311 16.36 -33.99 -29.67
N ASN A 312 16.21 -33.22 -30.77
CA ASN A 312 17.08 -32.07 -31.00
C ASN A 312 16.76 -31.00 -29.97
N GLU A 313 17.71 -30.70 -29.09
CA GLU A 313 17.46 -29.78 -27.99
C GLU A 313 17.30 -28.34 -28.46
N GLN A 314 17.87 -27.98 -29.61
CA GLN A 314 17.63 -26.65 -30.16
C GLN A 314 16.21 -26.51 -30.71
N ILE A 315 15.73 -27.54 -31.42
CA ILE A 315 14.35 -27.51 -31.91
C ILE A 315 13.39 -27.53 -30.73
N LEU A 316 13.68 -28.33 -29.71
CA LEU A 316 12.85 -28.36 -28.51
C LEU A 316 12.83 -26.99 -27.84
N GLN A 317 14.00 -26.39 -27.66
CA GLN A 317 14.07 -25.06 -27.06
C GLN A 317 13.24 -24.05 -27.85
N GLU A 318 13.35 -24.08 -29.18
CA GLU A 318 12.60 -23.11 -29.97
C GLU A 318 11.10 -23.38 -29.93
N ALA A 319 10.69 -24.65 -29.91
CA ALA A 319 9.28 -24.97 -29.82
C ALA A 319 8.72 -24.49 -28.48
N LEU A 320 9.48 -24.67 -27.40
CA LEU A 320 9.04 -24.15 -26.11
C LEU A 320 8.96 -22.63 -26.16
N TRP A 321 9.91 -21.99 -26.85
CA TRP A 321 9.87 -20.55 -27.01
C TRP A 321 8.57 -20.10 -27.69
N ALA A 322 8.22 -20.77 -28.78
CA ALA A 322 7.00 -20.43 -29.52
C ALA A 322 5.76 -20.66 -28.66
N LEU A 323 5.70 -21.82 -28.01
CA LEU A 323 4.54 -22.12 -27.18
C LEU A 323 4.37 -21.07 -26.09
N SER A 324 5.49 -20.62 -25.50
CA SER A 324 5.39 -19.57 -24.50
C SER A 324 4.83 -18.29 -25.10
N ASN A 325 5.38 -17.87 -26.24
CA ASN A 325 4.90 -16.62 -26.83
C ASN A 325 3.41 -16.69 -27.14
N ILE A 326 2.93 -17.86 -27.58
CA ILE A 326 1.50 -18.02 -27.82
C ILE A 326 0.70 -18.02 -26.51
N ALA A 327 1.25 -18.64 -25.47
CA ALA A 327 0.56 -18.67 -24.19
C ALA A 327 0.53 -17.31 -23.53
N SER A 328 1.22 -16.31 -24.09
CA SER A 328 1.07 -14.96 -23.55
C SER A 328 -0.22 -14.36 -24.08
N GLY A 329 -0.62 -13.24 -23.48
CA GLY A 329 -1.83 -12.58 -23.92
C GLY A 329 -3.07 -13.19 -23.30
N GLY A 330 -4.04 -13.55 -24.16
CA GLY A 330 -5.39 -13.81 -23.72
C GLY A 330 -5.65 -15.23 -23.26
N ASN A 331 -6.76 -15.37 -22.53
CA ASN A 331 -7.14 -16.67 -21.98
C ASN A 331 -7.67 -17.62 -23.05
N GLU A 332 -8.23 -17.10 -24.14
CA GLU A 332 -8.63 -17.98 -25.24
C GLU A 332 -7.40 -18.64 -25.86
N GLN A 333 -6.32 -17.87 -26.04
CA GLN A 333 -5.11 -18.45 -26.60
C GLN A 333 -4.50 -19.48 -25.64
N ILE A 334 -4.43 -19.13 -24.35
CA ILE A 334 -3.87 -20.07 -23.37
C ILE A 334 -4.70 -21.35 -23.35
N GLN A 335 -6.02 -21.21 -23.44
CA GLN A 335 -6.87 -22.39 -23.47
C GLN A 335 -6.62 -23.20 -24.74
N ALA A 336 -6.34 -22.52 -25.86
CA ALA A 336 -5.97 -23.24 -27.08
C ALA A 336 -4.72 -24.08 -26.86
N VAL A 337 -3.70 -23.48 -26.24
CA VAL A 337 -2.47 -24.20 -25.93
C VAL A 337 -2.76 -25.40 -25.05
N ILE A 338 -3.63 -25.22 -24.06
CA ILE A 338 -3.96 -26.32 -23.16
C ILE A 338 -4.70 -27.42 -23.91
N ASP A 339 -5.64 -27.04 -24.79
CA ASP A 339 -6.40 -28.03 -25.53
C ASP A 339 -5.49 -28.85 -26.43
N ALA A 340 -4.36 -28.29 -26.86
CA ALA A 340 -3.42 -29.03 -27.68
C ALA A 340 -2.55 -29.99 -26.89
N GLY A 341 -2.71 -30.06 -25.57
CA GLY A 341 -1.98 -31.03 -24.78
C GLY A 341 -0.55 -30.68 -24.48
N ALA A 342 -0.26 -29.39 -24.25
CA ALA A 342 1.12 -28.99 -24.00
C ALA A 342 1.54 -29.18 -22.56
N LEU A 343 0.62 -29.06 -21.61
CA LEU A 343 0.98 -29.10 -20.20
C LEU A 343 1.70 -30.37 -19.79
N PRO A 344 1.28 -31.57 -20.21
CA PRO A 344 2.06 -32.77 -19.86
C PRO A 344 3.52 -32.67 -20.28
N ALA A 345 3.76 -32.26 -21.52
CA ALA A 345 5.14 -32.14 -21.99
C ALA A 345 5.90 -31.11 -21.18
N LEU A 346 5.23 -30.02 -20.80
CA LEU A 346 5.92 -28.96 -20.05
C LEU A 346 6.29 -29.44 -18.65
N VAL A 347 5.38 -30.12 -17.96
CA VAL A 347 5.72 -30.63 -16.63
C VAL A 347 6.80 -31.70 -16.73
N GLN A 348 6.76 -32.53 -17.78
CA GLN A 348 7.85 -33.48 -17.97
C GLN A 348 9.17 -32.75 -18.12
N LEU A 349 9.20 -31.73 -18.98
CA LEU A 349 10.42 -30.98 -19.20
C LEU A 349 10.87 -30.21 -17.98
N LEU A 350 9.99 -30.02 -16.99
CA LEU A 350 10.45 -29.42 -15.75
C LEU A 350 11.57 -30.24 -15.10
N SER A 351 11.59 -31.55 -15.34
CA SER A 351 12.63 -32.40 -14.77
C SER A 351 13.76 -32.67 -15.76
N SER A 352 13.89 -31.86 -16.80
CA SER A 352 14.96 -32.12 -17.75
C SER A 352 16.30 -31.68 -17.17
N PRO A 353 17.39 -32.40 -17.45
CA PRO A 353 18.70 -31.95 -16.96
C PRO A 353 19.24 -30.73 -17.69
N ASN A 354 18.69 -30.42 -18.87
CA ASN A 354 19.12 -29.26 -19.65
C ASN A 354 18.47 -28.02 -19.08
N GLU A 355 19.27 -27.13 -18.50
CA GLU A 355 18.74 -25.96 -17.83
C GLU A 355 18.03 -25.00 -18.79
N GLN A 356 18.46 -24.96 -20.04
CA GLN A 356 17.82 -24.04 -20.98
C GLN A 356 16.39 -24.47 -21.30
N ILE A 357 16.19 -25.74 -21.66
CA ILE A 357 14.83 -26.18 -21.89
C ILE A 357 14.04 -26.15 -20.59
N LEU A 358 14.71 -26.27 -19.45
CA LEU A 358 14.02 -26.13 -18.17
C LEU A 358 13.47 -24.72 -18.00
N GLN A 359 14.33 -23.71 -18.19
CA GLN A 359 13.86 -22.34 -18.08
C GLN A 359 12.75 -22.06 -19.08
N GLU A 360 12.85 -22.63 -20.29
CA GLU A 360 11.82 -22.38 -21.30
C GLU A 360 10.49 -22.99 -20.88
N ALA A 361 10.50 -24.21 -20.35
CA ALA A 361 9.25 -24.81 -19.87
C ALA A 361 8.70 -24.02 -18.69
N LEU A 362 9.59 -23.48 -17.84
CA LEU A 362 9.12 -22.65 -16.74
C LEU A 362 8.45 -21.38 -17.26
N TRP A 363 9.09 -20.73 -18.23
CA TRP A 363 8.51 -19.51 -18.79
C TRP A 363 7.15 -19.80 -19.41
N ALA A 364 7.02 -20.93 -20.11
CA ALA A 364 5.74 -21.30 -20.69
C ALA A 364 4.68 -21.51 -19.60
N LEU A 365 5.04 -22.25 -18.54
CA LEU A 365 4.07 -22.50 -17.49
C LEU A 365 3.70 -21.22 -16.76
N SER A 366 4.67 -20.34 -16.50
CA SER A 366 4.32 -19.08 -15.86
C SER A 366 3.32 -18.32 -16.73
N ASN A 367 3.56 -18.27 -18.04
CA ASN A 367 2.60 -17.60 -18.92
C ASN A 367 1.23 -18.29 -18.90
N ILE A 368 1.20 -19.62 -18.90
CA ILE A 368 -0.10 -20.30 -18.88
C ILE A 368 -0.83 -19.98 -17.58
N ALA A 369 -0.11 -19.95 -16.45
CA ALA A 369 -0.73 -19.70 -15.16
C ALA A 369 -1.10 -18.24 -14.96
N SER A 370 -0.69 -17.36 -15.88
CA SER A 370 -1.14 -15.98 -15.81
C SER A 370 -2.61 -15.85 -16.17
N GLY A 371 -3.18 -16.88 -16.79
CA GLY A 371 -4.57 -16.81 -17.21
C GLY A 371 -5.54 -16.87 -16.05
N GLY A 372 -6.74 -17.43 -16.33
CA GLY A 372 -7.80 -17.48 -15.35
C GLY A 372 -7.77 -18.74 -14.53
N ASN A 373 -8.69 -18.81 -13.56
CA ASN A 373 -8.72 -19.95 -12.65
C ASN A 373 -8.86 -21.26 -13.41
N GLU A 374 -9.48 -21.24 -14.59
CA GLU A 374 -9.58 -22.45 -15.38
C GLU A 374 -8.20 -22.93 -15.81
N GLN A 375 -7.40 -22.03 -16.39
CA GLN A 375 -6.08 -22.40 -16.86
C GLN A 375 -5.13 -22.72 -15.71
N ILE A 376 -5.21 -21.97 -14.61
CA ILE A 376 -4.37 -22.27 -13.46
C ILE A 376 -4.70 -23.64 -12.91
N GLN A 377 -5.99 -23.94 -12.77
CA GLN A 377 -6.38 -25.26 -12.29
C GLN A 377 -5.91 -26.35 -13.25
N ALA A 378 -5.87 -26.06 -14.55
CA ALA A 378 -5.33 -27.06 -15.48
C ALA A 378 -3.85 -27.30 -15.25
N VAL A 379 -3.09 -26.22 -14.99
CA VAL A 379 -1.69 -26.36 -14.65
C VAL A 379 -1.53 -27.23 -13.41
N ILE A 380 -2.37 -26.99 -12.41
CA ILE A 380 -2.30 -27.76 -11.16
C ILE A 380 -2.63 -29.22 -11.43
N ASP A 381 -3.70 -29.48 -12.18
CA ASP A 381 -4.09 -30.85 -12.47
C ASP A 381 -2.98 -31.60 -13.20
N ALA A 382 -2.22 -30.91 -14.04
CA ALA A 382 -1.09 -31.52 -14.72
C ALA A 382 0.07 -31.85 -13.79
N GLY A 383 -0.04 -31.52 -12.51
CA GLY A 383 1.00 -31.85 -11.55
C GLY A 383 2.23 -30.97 -11.60
N ALA A 384 2.06 -29.67 -11.85
CA ALA A 384 3.21 -28.80 -11.97
C ALA A 384 3.78 -28.41 -10.61
N LEU A 385 2.95 -28.34 -9.59
CA LEU A 385 3.36 -27.77 -8.31
C LEU A 385 4.48 -28.51 -7.58
N PRO A 386 4.53 -29.83 -7.55
CA PRO A 386 5.68 -30.49 -6.92
C PRO A 386 7.01 -29.98 -7.45
N ALA A 387 7.16 -29.96 -8.78
CA ALA A 387 8.43 -29.56 -9.38
C ALA A 387 8.69 -28.08 -9.15
N LEU A 388 7.66 -27.24 -9.24
CA LEU A 388 7.86 -25.82 -9.01
C LEU A 388 8.33 -25.55 -7.59
N VAL A 389 7.71 -26.21 -6.61
CA VAL A 389 8.15 -26.04 -5.23
C VAL A 389 9.58 -26.54 -5.07
N GLN A 390 9.87 -27.72 -5.63
CA GLN A 390 11.23 -28.24 -5.56
C GLN A 390 12.25 -27.24 -6.09
N LEU A 391 11.91 -26.54 -7.17
CA LEU A 391 12.83 -25.58 -7.76
C LEU A 391 13.09 -24.37 -6.86
N LEU A 392 12.32 -24.20 -5.80
CA LEU A 392 12.55 -23.08 -4.90
C LEU A 392 13.93 -23.15 -4.26
N SER A 393 14.49 -24.36 -4.11
CA SER A 393 15.79 -24.52 -3.48
C SER A 393 16.94 -24.41 -4.46
N SER A 394 16.69 -23.96 -5.68
CA SER A 394 17.74 -23.93 -6.69
C SER A 394 18.72 -22.79 -6.40
N PRO A 395 20.03 -23.05 -6.44
CA PRO A 395 21.00 -21.94 -6.35
C PRO A 395 21.11 -21.16 -7.65
N ASN A 396 20.57 -21.67 -8.75
CA ASN A 396 20.58 -20.93 -10.01
C ASN A 396 19.51 -19.85 -9.90
N GLU A 397 19.94 -18.59 -9.87
CA GLU A 397 19.02 -17.52 -9.51
C GLU A 397 17.97 -17.29 -10.60
N GLN A 398 18.34 -17.46 -11.87
CA GLN A 398 17.35 -17.23 -12.92
C GLN A 398 16.28 -18.32 -12.92
N ILE A 399 16.67 -19.58 -12.75
CA ILE A 399 15.67 -20.65 -12.66
C ILE A 399 14.78 -20.44 -11.43
N LEU A 400 15.37 -19.94 -10.35
CA LEU A 400 14.59 -19.66 -9.15
C LEU A 400 13.58 -18.57 -9.40
N GLN A 401 14.00 -17.49 -10.08
CA GLN A 401 13.07 -16.44 -10.46
C GLN A 401 11.96 -16.98 -11.35
N GLU A 402 12.29 -17.92 -12.26
CA GLU A 402 11.27 -18.50 -13.12
C GLU A 402 10.25 -19.30 -12.31
N ALA A 403 10.73 -20.15 -11.40
CA ALA A 403 9.81 -20.94 -10.58
C ALA A 403 8.94 -20.04 -9.70
N LEU A 404 9.53 -18.93 -9.21
CA LEU A 404 8.75 -17.98 -8.42
C LEU A 404 7.71 -17.28 -9.29
N TRP A 405 8.07 -16.91 -10.51
CA TRP A 405 7.08 -16.37 -11.43
C TRP A 405 5.89 -17.32 -11.49
N ALA A 406 6.17 -18.59 -11.82
CA ALA A 406 5.09 -19.55 -11.99
C ALA A 406 4.27 -19.71 -10.72
N LEU A 407 4.93 -19.71 -9.56
CA LEU A 407 4.19 -19.95 -8.33
C LEU A 407 3.33 -18.75 -7.96
N SER A 408 3.85 -17.54 -8.11
CA SER A 408 3.03 -16.36 -7.81
C SER A 408 1.87 -16.23 -8.78
N ASN A 409 2.05 -16.65 -10.04
CA ASN A 409 0.93 -16.63 -10.96
C ASN A 409 -0.10 -17.70 -10.60
N ILE A 410 0.34 -18.87 -10.14
CA ILE A 410 -0.63 -19.87 -9.71
C ILE A 410 -1.35 -19.39 -8.45
N ALA A 411 -0.63 -18.72 -7.55
CA ALA A 411 -1.21 -18.17 -6.34
C ALA A 411 -2.07 -16.94 -6.57
N SER A 412 -2.09 -16.41 -7.80
CA SER A 412 -3.01 -15.33 -8.12
C SER A 412 -4.45 -15.82 -8.31
N GLY A 413 -4.68 -17.14 -8.30
CA GLY A 413 -6.00 -17.70 -8.53
C GLY A 413 -6.93 -17.65 -7.35
N GLY A 414 -7.87 -18.58 -7.32
CA GLY A 414 -8.85 -18.65 -6.26
C GLY A 414 -8.31 -19.33 -5.03
N ASN A 415 -9.15 -19.40 -4.00
CA ASN A 415 -8.72 -20.07 -2.78
C ASN A 415 -8.39 -21.53 -3.02
N GLU A 416 -9.05 -22.18 -3.99
CA GLU A 416 -8.76 -23.58 -4.27
C GLU A 416 -7.33 -23.74 -4.77
N GLN A 417 -6.92 -22.89 -5.72
CA GLN A 417 -5.56 -22.99 -6.24
C GLN A 417 -4.53 -22.58 -5.19
N ILE A 418 -4.83 -21.57 -4.39
CA ILE A 418 -3.89 -21.18 -3.34
C ILE A 418 -3.74 -22.32 -2.33
N GLN A 419 -4.83 -23.04 -2.07
CA GLN A 419 -4.74 -24.19 -1.16
C GLN A 419 -3.94 -25.32 -1.80
N ALA A 420 -4.09 -25.50 -3.12
CA ALA A 420 -3.25 -26.48 -3.81
C ALA A 420 -1.77 -26.13 -3.69
N VAL A 421 -1.44 -24.84 -3.77
CA VAL A 421 -0.04 -24.43 -3.61
C VAL A 421 0.44 -24.70 -2.18
N ILE A 422 -0.39 -24.34 -1.19
CA ILE A 422 0.05 -24.52 0.20
C ILE A 422 0.22 -26.00 0.51
N ASP A 423 -0.70 -26.84 0.03
CA ASP A 423 -0.55 -28.28 0.23
C ASP A 423 0.70 -28.81 -0.45
N ALA A 424 1.21 -28.11 -1.45
CA ALA A 424 2.46 -28.48 -2.10
C ALA A 424 3.68 -28.03 -1.31
N GLY A 425 3.50 -27.48 -0.12
CA GLY A 425 4.63 -27.17 0.74
C GLY A 425 5.48 -26.02 0.28
N ALA A 426 4.89 -25.03 -0.38
CA ALA A 426 5.66 -23.93 -0.92
C ALA A 426 6.03 -22.90 0.14
N LEU A 427 5.38 -22.90 1.28
CA LEU A 427 5.53 -21.79 2.22
C LEU A 427 6.86 -21.76 2.95
N PRO A 428 7.39 -22.88 3.44
CA PRO A 428 8.71 -22.85 4.08
C PRO A 428 9.78 -22.22 3.19
N ALA A 429 9.87 -22.69 1.95
CA ALA A 429 10.87 -22.17 1.03
C ALA A 429 10.59 -20.72 0.65
N LEU A 430 9.33 -20.31 0.57
CA LEU A 430 9.03 -18.92 0.28
C LEU A 430 9.47 -18.01 1.43
N VAL A 431 9.08 -18.35 2.66
CA VAL A 431 9.49 -17.55 3.81
C VAL A 431 11.01 -17.53 3.89
N GLN A 432 11.66 -18.65 3.59
CA GLN A 432 13.11 -18.69 3.61
C GLN A 432 13.70 -17.72 2.59
N LEU A 433 13.27 -17.84 1.33
CA LEU A 433 13.73 -16.91 0.30
C LEU A 433 13.46 -15.48 0.69
N LEU A 434 12.44 -15.25 1.51
CA LEU A 434 12.12 -13.90 1.93
C LEU A 434 13.32 -13.18 2.54
N SER A 435 14.32 -13.92 3.00
CA SER A 435 15.56 -13.34 3.52
C SER A 435 16.74 -13.59 2.58
N SER A 436 16.48 -13.64 1.27
CA SER A 436 17.52 -14.00 0.29
C SER A 436 18.40 -12.80 -0.04
N PRO A 437 19.68 -13.04 -0.35
CA PRO A 437 20.54 -11.93 -0.77
C PRO A 437 20.10 -11.21 -2.04
N ASN A 438 19.60 -11.94 -3.02
CA ASN A 438 19.19 -11.36 -4.30
C ASN A 438 17.85 -10.64 -4.14
N GLU A 439 17.84 -9.33 -4.39
CA GLU A 439 16.63 -8.56 -4.14
C GLU A 439 15.49 -8.92 -5.10
N GLN A 440 15.80 -9.27 -6.35
CA GLN A 440 14.73 -9.64 -7.27
C GLN A 440 14.08 -10.95 -6.85
N ILE A 441 14.89 -11.91 -6.36
CA ILE A 441 14.33 -13.16 -5.84
C ILE A 441 13.51 -12.89 -4.59
N LEU A 442 13.99 -12.00 -3.72
CA LEU A 442 13.22 -11.59 -2.56
C LEU A 442 11.87 -11.01 -3.00
N GLN A 443 11.90 -10.11 -3.98
CA GLN A 443 10.66 -9.48 -4.43
C GLN A 443 9.70 -10.50 -5.01
N GLU A 444 10.21 -11.46 -5.79
CA GLU A 444 9.33 -12.47 -6.36
C GLU A 444 8.71 -13.34 -5.27
N ALA A 445 9.53 -13.79 -4.31
CA ALA A 445 9.00 -14.59 -3.22
C ALA A 445 7.98 -13.81 -2.40
N LEU A 446 8.22 -12.51 -2.22
CA LEU A 446 7.28 -11.66 -1.49
C LEU A 446 5.99 -11.48 -2.25
N TRP A 447 6.07 -11.28 -3.58
CA TRP A 447 4.86 -11.24 -4.39
C TRP A 447 4.07 -12.54 -4.24
N ALA A 448 4.77 -13.67 -4.26
CA ALA A 448 4.10 -14.96 -4.12
C ALA A 448 3.36 -15.03 -2.78
N LEU A 449 4.08 -14.75 -1.69
CA LEU A 449 3.45 -14.78 -0.38
C LEU A 449 2.26 -13.85 -0.32
N SER A 450 2.39 -12.66 -0.92
CA SER A 450 1.32 -11.67 -0.86
C SER A 450 0.08 -12.16 -1.59
N ASN A 451 0.25 -12.80 -2.76
CA ASN A 451 -0.89 -13.38 -3.43
C ASN A 451 -1.46 -14.58 -2.68
N ILE A 452 -0.66 -15.21 -1.82
CA ILE A 452 -1.18 -16.26 -0.95
C ILE A 452 -2.03 -15.66 0.16
N ALA A 453 -1.54 -14.59 0.79
CA ALA A 453 -2.28 -13.92 1.85
C ALA A 453 -3.63 -13.38 1.36
N SER A 454 -3.79 -13.20 0.05
CA SER A 454 -5.04 -12.69 -0.49
C SER A 454 -6.17 -13.71 -0.45
N GLY A 455 -5.96 -14.90 0.12
CA GLY A 455 -7.00 -15.91 0.19
C GLY A 455 -7.95 -15.72 1.35
N GLY A 456 -8.48 -16.85 1.84
CA GLY A 456 -9.41 -16.85 2.95
C GLY A 456 -8.68 -16.83 4.29
N ASN A 457 -9.45 -17.15 5.33
CA ASN A 457 -8.85 -17.21 6.66
C ASN A 457 -7.95 -18.43 6.80
N GLU A 458 -8.31 -19.54 6.14
CA GLU A 458 -7.49 -20.74 6.22
C GLU A 458 -6.09 -20.47 5.68
N GLN A 459 -6.01 -19.86 4.50
CA GLN A 459 -4.73 -19.59 3.86
C GLN A 459 -3.91 -18.55 4.63
N LYS A 460 -4.56 -17.48 5.08
CA LYS A 460 -3.84 -16.48 5.87
C LYS A 460 -3.27 -17.12 7.14
N GLN A 461 -4.06 -17.99 7.78
CA GLN A 461 -3.57 -18.64 8.98
C GLN A 461 -2.38 -19.54 8.66
N ALA A 462 -2.46 -20.30 7.57
CA ALA A 462 -1.33 -21.14 7.15
C ALA A 462 -0.07 -20.30 6.92
N VAL A 463 -0.20 -19.15 6.28
CA VAL A 463 0.97 -18.30 6.06
C VAL A 463 1.54 -17.84 7.40
N LYS A 464 0.65 -17.52 8.35
CA LYS A 464 1.10 -17.11 9.68
C LYS A 464 1.88 -18.24 10.36
N GLU A 465 1.35 -19.47 10.30
CA GLU A 465 1.96 -20.60 10.98
C GLU A 465 3.34 -20.92 10.42
N ALA A 466 3.58 -20.58 9.16
CA ALA A 466 4.87 -20.82 8.53
C ALA A 466 5.92 -19.79 8.91
N GLY A 467 5.61 -18.91 9.86
CA GLY A 467 6.62 -17.98 10.35
C GLY A 467 6.92 -16.84 9.42
N ALA A 468 5.97 -16.44 8.57
CA ALA A 468 6.20 -15.33 7.66
C ALA A 468 6.16 -13.99 8.38
N LEU A 469 5.36 -13.87 9.44
CA LEU A 469 5.11 -12.58 10.06
C LEU A 469 6.41 -11.92 10.52
N GLU A 470 7.28 -12.67 11.18
CA GLU A 470 8.50 -12.07 11.71
C GLU A 470 9.34 -11.47 10.59
N LYS A 471 9.57 -12.24 9.52
CA LYS A 471 10.41 -11.77 8.43
C LYS A 471 9.76 -10.61 7.69
N LEU A 472 8.44 -10.67 7.51
CA LEU A 472 7.74 -9.54 6.88
C LEU A 472 7.94 -8.28 7.70
N GLU A 473 7.85 -8.38 9.01
CA GLU A 473 8.06 -7.22 9.87
C GLU A 473 9.51 -6.75 9.79
N GLN A 474 10.47 -7.68 9.79
CA GLN A 474 11.87 -7.30 9.67
C GLN A 474 12.12 -6.52 8.39
N LEU A 475 11.42 -6.88 7.31
CA LEU A 475 11.66 -6.23 6.03
C LEU A 475 11.33 -4.74 6.06
N GLN A 476 10.63 -4.27 7.10
CA GLN A 476 10.33 -2.84 7.21
C GLN A 476 11.60 -2.00 7.32
N SER A 477 12.71 -2.61 7.70
CA SER A 477 13.99 -1.92 7.81
C SER A 477 14.85 -2.12 6.57
N HIS A 478 14.29 -2.65 5.50
CA HIS A 478 15.05 -2.90 4.29
C HIS A 478 15.39 -1.58 3.62
N GLU A 479 16.61 -1.50 3.09
CA GLU A 479 17.05 -0.28 2.42
C GLU A 479 16.15 0.05 1.24
N ASN A 480 15.72 -0.98 0.51
CA ASN A 480 14.80 -0.83 -0.62
C ASN A 480 13.40 -0.55 -0.07
N GLU A 481 12.88 0.64 -0.33
CA GLU A 481 11.56 1.02 0.18
C GLU A 481 10.43 0.29 -0.54
N LYS A 482 10.63 -0.09 -1.81
CA LYS A 482 9.62 -0.87 -2.51
C LYS A 482 9.31 -2.15 -1.75
N ILE A 483 10.35 -2.82 -1.25
CA ILE A 483 10.17 -4.04 -0.49
C ILE A 483 9.45 -3.75 0.82
N GLN A 484 9.81 -2.64 1.47
CA GLN A 484 9.08 -2.22 2.66
C GLN A 484 7.59 -2.11 2.37
N LYS A 485 7.25 -1.46 1.27
CA LYS A 485 5.85 -1.22 0.93
C LYS A 485 5.12 -2.51 0.64
N GLU A 486 5.72 -3.39 -0.17
CA GLU A 486 5.07 -4.65 -0.50
C GLU A 486 4.93 -5.53 0.73
N ALA A 487 5.94 -5.56 1.60
CA ALA A 487 5.86 -6.36 2.82
C ALA A 487 4.79 -5.83 3.77
N GLN A 488 4.67 -4.51 3.89
CA GLN A 488 3.62 -3.96 4.73
C GLN A 488 2.25 -4.31 4.17
N GLU A 489 2.09 -4.23 2.84
CA GLU A 489 0.81 -4.62 2.24
C GLU A 489 0.50 -6.08 2.56
N ALA A 490 1.51 -6.95 2.48
CA ALA A 490 1.30 -8.35 2.83
C ALA A 490 0.87 -8.51 4.29
N LEU A 491 1.55 -7.80 5.19
CA LEU A 491 1.18 -7.87 6.60
C LEU A 491 -0.28 -7.47 6.80
N GLU A 492 -0.69 -6.36 6.20
CA GLU A 492 -2.09 -5.94 6.33
C GLU A 492 -3.04 -6.98 5.75
N LYS A 493 -2.63 -7.64 4.66
CA LYS A 493 -3.47 -8.71 4.11
C LYS A 493 -3.65 -9.85 5.11
N LEU A 494 -2.59 -10.20 5.84
CA LEU A 494 -2.68 -11.28 6.81
C LEU A 494 -3.50 -10.87 8.04
N GLY A 495 -3.50 -9.57 8.37
CA GLY A 495 -4.22 -9.09 9.54
C GLY A 495 -5.58 -8.50 9.24
N SER A 496 -6.16 -8.86 8.10
CA SER A 496 -7.47 -8.33 7.72
C SER A 496 -8.57 -9.31 8.12
N LYS A 501 -2.88 -10.55 -15.75
CA LYS A 501 -1.80 -10.76 -14.80
C LYS A 501 -0.44 -10.40 -15.43
N ARG A 502 0.64 -10.81 -14.76
CA ARG A 502 1.99 -10.51 -15.24
C ARG A 502 2.37 -11.55 -16.28
N LYS A 503 2.57 -11.09 -17.51
CA LYS A 503 2.91 -11.91 -18.65
C LYS A 503 4.25 -11.46 -19.21
N ARG A 504 4.90 -12.34 -19.95
CA ARG A 504 6.22 -12.04 -20.49
C ARG A 504 6.32 -12.60 -21.90
N LYS A 505 6.88 -11.80 -22.80
CA LYS A 505 7.08 -12.20 -24.19
C LYS A 505 8.55 -12.01 -24.52
N ARG A 506 9.04 -12.77 -25.51
CA ARG A 506 10.44 -12.74 -25.89
C ARG A 506 10.52 -12.81 -27.41
N LYS A 507 11.44 -12.02 -28.00
CA LYS A 507 11.60 -11.97 -29.45
C LYS A 507 12.97 -12.53 -29.85
N ASP B 5 23.16 47.52 31.97
CA ASP B 5 22.91 46.12 32.28
C ASP B 5 21.55 45.95 32.93
N LEU B 6 20.56 45.57 32.13
CA LEU B 6 19.21 45.35 32.65
C LEU B 6 19.09 44.00 33.36
N GLY B 7 19.92 43.02 33.00
CA GLY B 7 19.83 41.72 33.63
C GLY B 7 20.20 41.74 35.10
N LYS B 8 21.32 42.39 35.42
CA LYS B 8 21.73 42.50 36.82
C LYS B 8 20.71 43.33 37.61
N LYS B 9 20.19 44.41 37.01
CA LYS B 9 19.15 45.18 37.67
C LYS B 9 17.94 44.31 37.98
N LEU B 10 17.56 43.45 37.04
CA LEU B 10 16.41 42.57 37.25
C LEU B 10 16.69 41.59 38.39
N LEU B 11 17.89 41.01 38.41
CA LEU B 11 18.27 40.13 39.51
C LEU B 11 18.13 40.86 40.85
N GLU B 12 18.67 42.07 40.93
CA GLU B 12 18.63 42.82 42.18
C GLU B 12 17.20 43.13 42.59
N ALA B 13 16.36 43.54 41.63
CA ALA B 13 14.98 43.85 41.93
C ALA B 13 14.22 42.61 42.39
N ALA B 14 14.46 41.48 41.73
CA ALA B 14 13.76 40.25 42.10
C ALA B 14 14.14 39.79 43.50
N ARG B 15 15.43 39.83 43.83
CA ARG B 15 15.83 39.40 45.17
C ARG B 15 15.37 40.39 46.24
N ALA B 16 15.36 41.69 45.91
CA ALA B 16 14.98 42.68 46.91
C ALA B 16 13.49 42.64 47.19
N GLY B 17 12.69 42.43 46.16
CA GLY B 17 11.25 42.51 46.26
C GLY B 17 10.63 43.68 45.54
N GLN B 18 11.35 44.31 44.61
CA GLN B 18 10.86 45.47 43.89
C GLN B 18 10.01 44.98 42.73
N ASP B 19 8.76 44.62 43.04
CA ASP B 19 7.85 44.08 42.04
C ASP B 19 7.74 45.03 40.85
N ASP B 20 7.48 46.31 41.12
CA ASP B 20 7.34 47.29 40.05
C ASP B 20 8.62 47.39 39.24
N GLU B 21 9.78 47.42 39.91
CA GLU B 21 11.03 47.52 39.17
C GLU B 21 11.30 46.24 38.38
N VAL B 22 10.89 45.09 38.90
CA VAL B 22 11.02 43.84 38.13
C VAL B 22 10.24 43.96 36.83
N ARG B 23 8.96 44.34 36.92
CA ARG B 23 8.14 44.50 35.72
C ARG B 23 8.74 45.54 34.78
N ILE B 24 9.20 46.66 35.32
CA ILE B 24 9.76 47.74 34.50
C ILE B 24 10.98 47.24 33.74
N LEU B 25 11.95 46.67 34.46
CA LEU B 25 13.17 46.19 33.83
C LEU B 25 12.86 45.12 32.79
N LEU B 26 11.86 44.26 33.06
CA LEU B 26 11.46 43.29 32.05
C LEU B 26 10.94 44.00 30.81
N ALA B 27 10.17 45.08 30.99
CA ALA B 27 9.68 45.85 29.85
C ALA B 27 10.82 46.53 29.08
N ASN B 28 11.91 46.88 29.77
CA ASN B 28 13.01 47.61 29.15
C ASN B 28 13.97 46.71 28.37
N GLY B 29 13.73 45.40 28.35
CA GLY B 29 14.59 44.47 27.64
C GLY B 29 15.39 43.54 28.50
N ALA B 30 15.11 43.50 29.81
CA ALA B 30 15.82 42.59 30.70
C ALA B 30 15.43 41.14 30.42
N ASP B 31 16.43 40.28 30.28
CA ASP B 31 16.18 38.86 30.08
C ASP B 31 15.63 38.25 31.36
N VAL B 32 14.42 37.68 31.28
CA VAL B 32 13.77 37.14 32.47
C VAL B 32 14.56 35.99 33.07
N ASN B 33 15.40 35.32 32.27
CA ASN B 33 16.20 34.19 32.74
C ASN B 33 17.68 34.54 32.89
N THR B 34 17.99 35.81 33.17
CA THR B 34 19.38 36.18 33.39
C THR B 34 19.92 35.42 34.59
N ALA B 35 21.08 34.79 34.43
CA ALA B 35 21.70 34.02 35.49
C ALA B 35 22.95 34.75 35.95
N ASP B 36 23.23 34.69 37.24
CA ASP B 36 24.42 35.31 37.79
C ASP B 36 25.57 34.31 37.71
N GLU B 37 26.60 34.52 38.53
CA GLU B 37 27.78 33.67 38.48
C GLU B 37 27.49 32.24 38.95
N THR B 38 26.40 32.03 39.69
CA THR B 38 26.06 30.72 40.22
C THR B 38 24.94 30.02 39.47
N GLY B 39 24.37 30.65 38.45
CA GLY B 39 23.25 30.08 37.74
C GLY B 39 21.89 30.40 38.34
N PHE B 40 21.80 31.42 39.17
CA PHE B 40 20.55 31.81 39.82
C PHE B 40 19.84 32.87 39.00
N THR B 41 18.63 32.55 38.55
CA THR B 41 17.80 33.48 37.80
C THR B 41 16.97 34.34 38.75
N PRO B 42 16.36 35.41 38.26
CA PRO B 42 15.43 36.17 39.10
C PRO B 42 14.33 35.30 39.69
N LEU B 43 13.96 34.22 39.01
CA LEU B 43 12.94 33.32 39.56
C LEU B 43 13.47 32.58 40.78
N HIS B 44 14.71 32.08 40.70
CA HIS B 44 15.36 31.49 41.87
C HIS B 44 15.27 32.43 43.06
N LEU B 45 15.66 33.69 42.86
CA LEU B 45 15.72 34.65 43.95
C LEU B 45 14.33 34.96 44.49
N ALA B 46 13.35 35.13 43.60
CA ALA B 46 12.00 35.43 44.07
C ALA B 46 11.42 34.26 44.85
N ALA B 47 11.69 33.04 44.41
CA ALA B 47 11.19 31.88 45.15
C ALA B 47 11.87 31.77 46.51
N TRP B 48 13.17 32.07 46.56
CA TRP B 48 13.90 31.92 47.82
C TRP B 48 13.46 32.97 48.84
N GLU B 49 13.29 34.22 48.40
CA GLU B 49 12.98 35.28 49.35
C GLU B 49 11.52 35.29 49.79
N GLY B 50 10.60 34.85 48.92
CA GLY B 50 9.20 34.81 49.29
C GLY B 50 8.38 35.91 48.66
N HIS B 51 8.72 36.25 47.41
CA HIS B 51 8.01 37.30 46.67
C HIS B 51 7.04 36.62 45.71
N LEU B 52 5.93 36.14 46.27
CA LEU B 52 4.94 35.40 45.47
C LEU B 52 4.53 36.18 44.22
N GLY B 53 4.23 37.47 44.38
CA GLY B 53 3.85 38.27 43.23
C GLY B 53 4.94 38.29 42.17
N ILE B 54 6.19 38.44 42.60
CA ILE B 54 7.29 38.48 41.64
C ILE B 54 7.46 37.12 40.97
N VAL B 55 7.23 36.03 41.71
CA VAL B 55 7.28 34.70 41.11
C VAL B 55 6.24 34.60 39.99
N GLU B 56 5.00 35.01 40.29
CA GLU B 56 3.95 34.96 39.28
C GLU B 56 4.32 35.82 38.07
N VAL B 57 4.84 37.01 38.31
CA VAL B 57 5.21 37.91 37.22
C VAL B 57 6.26 37.25 36.33
N LEU B 58 7.34 36.75 36.94
CA LEU B 58 8.42 36.15 36.17
C LEU B 58 7.95 34.94 35.38
N LEU B 59 7.15 34.07 36.01
CA LEU B 59 6.65 32.89 35.29
C LEU B 59 5.77 33.28 34.13
N LYS B 60 4.96 34.34 34.30
CA LYS B 60 4.09 34.78 33.21
C LYS B 60 4.89 35.36 32.06
N ASN B 61 6.09 35.89 32.34
CA ASN B 61 6.93 36.50 31.31
C ASN B 61 7.87 35.51 30.64
N GLY B 62 7.71 34.22 30.89
CA GLY B 62 8.52 33.22 30.25
C GLY B 62 9.69 32.72 31.07
N ALA B 63 9.66 32.91 32.38
CA ALA B 63 10.73 32.41 33.23
C ALA B 63 10.71 30.89 33.22
N ASP B 64 11.87 30.28 33.02
CA ASP B 64 11.96 28.83 33.00
C ASP B 64 11.73 28.31 34.41
N VAL B 65 10.60 27.62 34.61
CA VAL B 65 10.23 27.15 35.94
C VAL B 65 11.20 26.08 36.43
N ASN B 66 11.93 25.43 35.53
CA ASN B 66 12.86 24.36 35.88
C ASN B 66 14.31 24.76 35.63
N ALA B 67 14.62 26.05 35.71
CA ALA B 67 15.99 26.51 35.55
C ALA B 67 16.89 25.97 36.65
N ASN B 68 18.00 25.38 36.26
CA ASN B 68 18.96 24.80 37.20
C ASN B 68 20.15 25.73 37.41
N ASP B 69 20.62 25.80 38.66
CA ASP B 69 21.85 26.50 38.98
C ASP B 69 23.03 25.56 38.75
N GLU B 70 24.23 25.99 39.15
CA GLU B 70 25.41 25.15 38.94
C GLU B 70 25.33 23.83 39.71
N ARG B 71 24.49 23.77 40.74
CA ARG B 71 24.36 22.56 41.54
C ARG B 71 23.12 21.75 41.17
N GLY B 72 22.33 22.21 40.21
CA GLY B 72 21.14 21.49 39.82
C GLY B 72 19.90 21.83 40.60
N HIS B 73 19.89 22.94 41.32
CA HIS B 73 18.72 23.35 42.09
C HIS B 73 17.76 24.13 41.21
N THR B 74 16.48 23.84 41.36
CA THR B 74 15.43 24.61 40.70
C THR B 74 14.77 25.54 41.68
N PRO B 75 14.05 26.56 41.20
CA PRO B 75 13.28 27.39 42.13
C PRO B 75 12.36 26.58 43.02
N LEU B 76 11.92 25.42 42.56
CA LEU B 76 11.09 24.55 43.40
C LEU B 76 11.88 24.01 44.59
N HIS B 77 13.14 23.62 44.36
CA HIS B 77 14.00 23.25 45.47
C HIS B 77 14.01 24.35 46.54
N LEU B 78 14.22 25.60 46.10
CA LEU B 78 14.34 26.71 47.03
C LEU B 78 13.03 26.96 47.78
N ALA B 79 11.91 26.97 47.05
CA ALA B 79 10.62 27.20 47.71
C ALA B 79 10.30 26.11 48.72
N ALA B 80 10.61 24.85 48.37
CA ALA B 80 10.36 23.76 49.30
C ALA B 80 11.24 23.90 50.54
N TYR B 81 12.49 24.34 50.34
CA TYR B 81 13.38 24.57 51.47
C TYR B 81 12.79 25.62 52.41
N THR B 82 12.47 26.80 51.88
CA THR B 82 12.13 27.93 52.73
C THR B 82 10.81 27.73 53.48
N GLY B 83 9.87 27.01 52.89
CA GLY B 83 8.56 26.84 53.47
C GLY B 83 7.47 27.72 52.90
N HIS B 84 7.70 28.32 51.73
CA HIS B 84 6.69 29.16 51.08
C HIS B 84 5.73 28.24 50.33
N LEU B 85 4.71 27.78 51.05
CA LEU B 85 3.73 26.86 50.47
C LEU B 85 3.13 27.42 49.19
N GLU B 86 2.76 28.71 49.21
CA GLU B 86 2.08 29.30 48.07
C GLU B 86 2.98 29.33 46.83
N ILE B 87 4.25 29.66 47.02
CA ILE B 87 5.19 29.71 45.89
C ILE B 87 5.43 28.30 45.35
N VAL B 88 5.51 27.31 46.23
CA VAL B 88 5.64 25.93 45.78
C VAL B 88 4.43 25.55 44.91
N GLU B 89 3.23 25.87 45.39
CA GLU B 89 2.02 25.57 44.61
C GLU B 89 2.08 26.24 43.24
N VAL B 90 2.42 27.54 43.21
CA VAL B 90 2.44 28.25 41.93
C VAL B 90 3.47 27.65 41.00
N LEU B 91 4.67 27.34 41.51
CA LEU B 91 5.71 26.76 40.68
C LEU B 91 5.27 25.43 40.08
N LEU B 92 4.67 24.58 40.90
CA LEU B 92 4.18 23.30 40.39
C LEU B 92 3.10 23.50 39.35
N LYS B 93 2.24 24.50 39.55
CA LYS B 93 1.19 24.77 38.58
C LYS B 93 1.75 25.22 37.24
N ASN B 94 2.96 25.79 37.23
CA ASN B 94 3.61 26.23 36.02
C ASN B 94 4.58 25.20 35.45
N GLY B 95 4.50 23.96 35.92
CA GLY B 95 5.29 22.89 35.36
C GLY B 95 6.65 22.66 36.00
N ALA B 96 6.77 22.88 37.30
CA ALA B 96 8.04 22.63 37.98
C ALA B 96 8.28 21.13 38.15
N GLY B 97 9.54 20.74 38.04
CA GLY B 97 9.92 19.33 38.17
C GLY B 97 9.84 18.79 39.58
N VAL B 98 8.71 18.15 39.91
CA VAL B 98 8.49 17.67 41.28
C VAL B 98 9.54 16.65 41.68
N ASN B 99 10.08 15.90 40.72
CA ASN B 99 11.12 14.91 41.00
C ASN B 99 12.48 15.35 40.52
N ALA B 100 12.66 16.65 40.26
CA ALA B 100 13.96 17.18 39.87
C ALA B 100 14.94 17.06 41.03
N THR B 101 16.19 16.71 40.70
CA THR B 101 17.23 16.48 41.69
C THR B 101 18.43 17.37 41.40
N ASP B 102 19.20 17.67 42.44
CA ASP B 102 20.41 18.45 42.32
C ASP B 102 21.61 17.51 42.15
N VAL B 103 22.83 18.04 42.33
CA VAL B 103 24.01 17.24 42.06
C VAL B 103 24.21 16.14 43.11
N ILE B 104 23.59 16.26 44.27
CA ILE B 104 23.70 15.24 45.31
C ILE B 104 22.43 14.41 45.40
N GLY B 105 21.56 14.48 44.39
CA GLY B 105 20.35 13.68 44.39
C GLY B 105 19.28 14.14 45.34
N THR B 106 19.33 15.39 45.77
CA THR B 106 18.35 15.94 46.69
C THR B 106 17.20 16.54 45.88
N ALA B 107 15.99 16.08 46.14
CA ALA B 107 14.79 16.58 45.48
C ALA B 107 13.98 17.45 46.43
N PRO B 108 13.13 18.32 45.90
CA PRO B 108 12.34 19.19 46.78
C PRO B 108 11.65 18.46 47.91
N LEU B 109 11.26 17.20 47.71
CA LEU B 109 10.64 16.44 48.79
C LEU B 109 11.63 16.20 49.92
N HIS B 110 12.90 15.90 49.59
CA HIS B 110 13.93 15.79 50.62
C HIS B 110 13.99 17.05 51.46
N LEU B 111 13.94 18.22 50.82
CA LEU B 111 13.99 19.47 51.55
C LEU B 111 12.78 19.63 52.45
N ALA B 112 11.58 19.46 51.89
CA ALA B 112 10.37 19.66 52.67
C ALA B 112 10.33 18.74 53.88
N ALA B 113 10.81 17.50 53.73
CA ALA B 113 10.77 16.56 54.85
C ALA B 113 11.86 16.85 55.87
N MET B 114 13.03 17.31 55.42
CA MET B 114 14.13 17.58 56.33
C MET B 114 13.76 18.68 57.33
N TRP B 115 12.96 19.66 56.90
CA TRP B 115 12.66 20.82 57.73
C TRP B 115 11.27 20.80 58.34
N GLY B 116 10.54 19.70 58.21
CA GLY B 116 9.23 19.61 58.81
C GLY B 116 8.19 20.52 58.19
N HIS B 117 8.28 20.77 56.88
CA HIS B 117 7.27 21.54 56.15
C HIS B 117 6.15 20.60 55.72
N LEU B 118 5.21 20.37 56.64
CA LEU B 118 4.16 19.39 56.41
C LEU B 118 3.31 19.74 55.18
N GLU B 119 2.85 20.99 55.10
CA GLU B 119 2.00 21.39 53.98
C GLU B 119 2.70 21.14 52.64
N ILE B 120 3.97 21.54 52.54
CA ILE B 120 4.69 21.38 51.28
C ILE B 120 4.93 19.92 50.96
N VAL B 121 5.17 19.09 51.98
CA VAL B 121 5.29 17.65 51.76
C VAL B 121 4.01 17.12 51.13
N GLU B 122 2.86 17.51 51.70
CA GLU B 122 1.58 17.07 51.15
C GLU B 122 1.44 17.48 49.68
N VAL B 123 1.76 18.75 49.39
CA VAL B 123 1.61 19.26 48.03
C VAL B 123 2.49 18.46 47.07
N LEU B 124 3.75 18.28 47.44
CA LEU B 124 4.68 17.58 46.56
C LEU B 124 4.26 16.14 46.33
N LEU B 125 3.83 15.44 47.38
CA LEU B 125 3.38 14.07 47.21
C LEU B 125 2.17 13.99 46.31
N LYS B 126 1.24 14.95 46.44
CA LYS B 126 0.08 14.94 45.56
C LYS B 126 0.43 15.23 44.12
N ASN B 127 1.54 15.93 43.86
CA ASN B 127 1.94 16.21 42.49
C ASN B 127 2.86 15.17 41.88
N GLY B 128 3.02 14.02 42.50
CA GLY B 128 3.77 12.93 41.92
C GLY B 128 5.19 12.78 42.43
N ALA B 129 5.51 13.37 43.58
CA ALA B 129 6.86 13.26 44.12
C ALA B 129 7.17 11.81 44.48
N ASP B 130 8.32 11.33 44.04
CA ASP B 130 8.70 9.95 44.29
C ASP B 130 8.97 9.77 45.78
N PRO B 131 8.11 9.07 46.52
CA PRO B 131 8.39 8.86 47.94
C PRO B 131 9.65 8.07 48.16
N LYS B 132 10.07 7.27 47.18
CA LYS B 132 11.20 6.36 47.32
C LYS B 132 12.47 6.88 46.66
N ALA B 133 12.49 8.14 46.22
CA ALA B 133 13.69 8.72 45.62
C ALA B 133 14.78 8.90 46.68
N GLN B 134 15.94 8.31 46.43
CA GLN B 134 17.10 8.42 47.32
C GLN B 134 18.07 9.48 46.81
N ASP B 135 18.86 10.02 47.74
CA ASP B 135 19.93 10.95 47.40
C ASP B 135 21.27 10.23 47.47
N LYS B 136 22.37 10.98 47.34
CA LYS B 136 23.70 10.37 47.29
C LYS B 136 24.07 9.64 48.58
N PHE B 137 23.37 9.89 49.68
CA PHE B 137 23.68 9.22 50.95
C PHE B 137 22.77 8.02 51.22
N GLY B 138 21.91 7.65 50.28
CA GLY B 138 20.94 6.60 50.54
C GLY B 138 19.84 7.01 51.49
N LYS B 139 19.39 8.26 51.43
CA LYS B 139 18.38 8.78 52.33
C LYS B 139 17.15 9.19 51.52
N THR B 140 15.99 8.63 51.89
CA THR B 140 14.73 9.08 51.31
C THR B 140 14.15 10.22 52.14
N PRO B 141 13.21 10.97 51.58
CA PRO B 141 12.59 12.05 52.38
C PRO B 141 12.06 11.58 53.73
N LYS B 142 11.48 10.38 53.79
CA LYS B 142 11.04 9.85 55.07
C LYS B 142 12.22 9.61 56.01
N ASP B 143 13.33 9.12 55.45
CA ASP B 143 14.52 8.91 56.26
C ASP B 143 14.99 10.22 56.90
N LEU B 144 14.96 11.31 56.14
CA LEU B 144 15.39 12.60 56.67
C LEU B 144 14.39 13.14 57.69
N ALA B 145 13.10 12.93 57.45
CA ALA B 145 12.10 13.32 58.44
C ALA B 145 12.32 12.62 59.76
N LYS B 146 12.69 11.33 59.71
CA LYS B 146 12.94 10.57 60.93
C LYS B 146 14.24 11.01 61.60
N ASP B 147 15.31 11.21 60.83
CA ASP B 147 16.60 11.56 61.42
C ASP B 147 16.54 12.90 62.14
N ASN B 148 15.72 13.83 61.65
CA ASN B 148 15.56 15.15 62.25
C ASN B 148 14.34 15.24 63.15
N GLY B 149 13.70 14.12 63.45
CA GLY B 149 12.62 14.10 64.43
C GLY B 149 11.30 14.66 63.95
N HIS B 150 11.07 14.71 62.64
CA HIS B 150 9.79 15.20 62.12
C HIS B 150 8.86 14.00 61.95
N GLU B 151 8.42 13.47 63.09
CA GLU B 151 7.51 12.33 63.07
C GLU B 151 6.26 12.63 62.25
N ASP B 152 5.80 13.88 62.31
CA ASP B 152 4.62 14.29 61.57
C ASP B 152 4.78 14.00 60.08
N VAL B 153 5.94 14.34 59.53
CA VAL B 153 6.17 14.16 58.09
C VAL B 153 6.20 12.68 57.73
N ALA B 154 6.82 11.86 58.58
CA ALA B 154 6.86 10.43 58.32
C ALA B 154 5.45 9.85 58.29
N LYS B 155 4.61 10.26 59.23
CA LYS B 155 3.23 9.79 59.24
C LYS B 155 2.48 10.26 58.00
N LEU B 156 2.76 11.48 57.54
CA LEU B 156 2.11 11.97 56.33
C LEU B 156 2.51 11.13 55.11
N ILE B 157 3.79 10.77 55.00
CA ILE B 157 4.25 9.95 53.88
C ILE B 157 3.60 8.58 53.92
N ASP B 158 3.58 7.96 55.11
CA ASP B 158 2.90 6.67 55.25
C ASP B 158 1.44 6.79 54.83
N LYS B 159 0.78 7.90 55.17
CA LYS B 159 -0.60 8.08 54.80
C LYS B 159 -0.78 8.21 53.29
N LYS B 160 0.12 8.95 52.63
CA LYS B 160 0.06 9.03 51.17
C LYS B 160 0.17 7.64 50.55
N ALA B 161 1.06 6.81 51.09
CA ALA B 161 1.19 5.46 50.54
C ALA B 161 -0.06 4.64 50.78
N GLN B 162 -0.65 4.75 51.98
CA GLN B 162 -1.78 3.92 52.39
C GLN B 162 -3.12 4.30 51.76
N GLU B 163 -3.37 5.60 51.56
CA GLU B 163 -4.74 6.06 51.31
C GLU B 163 -5.39 5.39 50.10
N GLU B 164 -4.65 5.23 49.01
CA GLU B 164 -5.25 4.65 47.80
C GLU B 164 -5.75 3.22 48.06
N GLU B 165 -4.91 2.39 48.69
CA GLU B 165 -5.32 1.03 49.01
C GLU B 165 -6.47 1.01 50.00
N GLU B 166 -6.45 1.95 50.96
CA GLU B 166 -7.54 2.01 51.94
C GLU B 166 -8.88 2.29 51.26
N GLU B 167 -8.90 3.24 50.32
CA GLU B 167 -10.13 3.52 49.59
C GLU B 167 -10.55 2.32 48.75
N GLU B 168 -9.59 1.65 48.13
CA GLU B 168 -9.91 0.42 47.40
C GLU B 168 -10.63 -0.56 48.33
N GLU B 169 -10.14 -0.71 49.56
CA GLU B 169 -10.75 -1.63 50.50
C GLU B 169 -12.15 -1.17 50.91
N LYS B 170 -12.34 0.14 51.07
CA LYS B 170 -13.68 0.64 51.39
C LYS B 170 -14.67 0.28 50.29
N LYS B 171 -14.25 0.50 49.04
CA LYS B 171 -15.09 0.12 47.91
C LYS B 171 -15.40 -1.37 47.92
N LYS B 172 -14.38 -2.19 48.21
CA LYS B 172 -14.59 -3.63 48.29
C LYS B 172 -15.62 -3.98 49.36
N LYS B 173 -15.54 -3.32 50.52
CA LYS B 173 -16.52 -3.55 51.59
C LYS B 173 -17.92 -3.21 51.11
N ILE B 174 -18.08 -2.06 50.46
CA ILE B 174 -19.41 -1.63 50.01
C ILE B 174 -19.96 -2.62 49.00
N LEU B 175 -19.11 -3.06 48.07
CA LEU B 175 -19.54 -4.02 47.07
C LEU B 175 -19.90 -5.35 47.70
N LYS B 176 -19.14 -5.78 48.72
CA LYS B 176 -19.48 -7.00 49.43
C LYS B 176 -20.81 -6.86 50.16
N ASP B 177 -21.08 -5.69 50.75
CA ASP B 177 -22.36 -5.47 51.41
C ASP B 177 -23.50 -5.58 50.40
N LEU B 178 -23.31 -5.01 49.21
CA LEU B 178 -24.35 -5.13 48.18
C LEU B 178 -24.52 -6.57 47.70
N VAL B 179 -23.41 -7.27 47.45
CA VAL B 179 -23.50 -8.66 47.01
C VAL B 179 -24.18 -9.51 48.08
N LYS B 180 -23.98 -9.17 49.37
CA LYS B 180 -24.66 -9.89 50.43
C LYS B 180 -26.16 -9.56 50.41
N LYS B 181 -26.51 -8.28 50.26
CA LYS B 181 -27.92 -7.91 50.16
C LYS B 181 -28.58 -8.63 48.99
N LEU B 182 -27.80 -9.02 47.98
CA LEU B 182 -28.38 -9.76 46.87
C LEU B 182 -29.02 -11.07 47.31
N SER B 183 -28.66 -11.59 48.49
CA SER B 183 -29.23 -12.82 49.01
C SER B 183 -30.24 -12.57 50.12
N SER B 184 -30.75 -11.35 50.23
CA SER B 184 -31.66 -10.99 51.30
C SER B 184 -33.02 -11.68 51.10
N PRO B 185 -33.73 -11.99 52.19
CA PRO B 185 -35.10 -12.52 52.05
C PRO B 185 -36.16 -11.44 51.86
N ASN B 186 -35.86 -10.19 52.16
CA ASN B 186 -36.76 -9.08 51.87
C ASN B 186 -36.59 -8.60 50.44
N GLU B 187 -37.72 -8.38 49.77
CA GLU B 187 -37.67 -7.98 48.36
C GLU B 187 -37.00 -6.62 48.19
N ASN B 188 -37.41 -5.62 48.97
CA ASN B 188 -36.97 -4.25 48.71
C ASN B 188 -35.47 -4.07 48.87
N GLU B 189 -34.87 -4.64 49.92
CA GLU B 189 -33.42 -4.54 50.08
C GLU B 189 -32.73 -5.07 48.83
N LEU B 190 -33.15 -6.24 48.37
CA LEU B 190 -32.57 -6.85 47.18
C LEU B 190 -32.74 -5.95 45.96
N GLN B 191 -33.92 -5.35 45.79
CA GLN B 191 -34.16 -4.52 44.62
C GLN B 191 -33.27 -3.28 44.62
N ASN B 192 -33.11 -2.65 45.78
CA ASN B 192 -32.21 -1.51 45.88
C ASN B 192 -30.78 -1.91 45.54
N ALA B 193 -30.29 -3.00 46.15
CA ALA B 193 -28.94 -3.45 45.84
C ALA B 193 -28.78 -3.77 44.36
N LEU B 194 -29.80 -4.38 43.76
CA LEU B 194 -29.74 -4.72 42.34
C LEU B 194 -29.52 -3.47 41.51
N TRP B 195 -30.41 -2.50 41.69
CA TRP B 195 -30.33 -1.27 40.93
C TRP B 195 -29.00 -0.57 41.12
N THR B 196 -28.54 -0.48 42.37
CA THR B 196 -27.30 0.25 42.61
C THR B 196 -26.13 -0.44 41.90
N LEU B 197 -26.12 -1.77 41.96
CA LEU B 197 -25.10 -2.55 41.26
C LEU B 197 -25.19 -2.35 39.76
N GLY B 198 -26.40 -2.40 39.21
CA GLY B 198 -26.55 -2.21 37.77
C GLY B 198 -26.00 -0.87 37.31
N ASN B 199 -26.33 0.18 38.05
CA ASN B 199 -25.78 1.49 37.73
C ASN B 199 -24.25 1.45 37.75
N ILE B 200 -23.69 0.84 38.80
CA ILE B 200 -22.23 0.71 38.87
C ILE B 200 -21.73 0.07 37.57
N ALA B 201 -22.35 -1.04 37.18
CA ALA B 201 -21.89 -1.77 36.00
C ALA B 201 -22.06 -0.95 34.73
N SER B 202 -23.01 -0.02 34.72
CA SER B 202 -23.21 0.84 33.56
C SER B 202 -22.32 2.07 33.60
N GLY B 203 -21.50 2.21 34.64
CA GLY B 203 -20.55 3.30 34.70
C GLY B 203 -19.28 3.14 33.92
N GLY B 204 -19.03 1.99 33.31
CA GLY B 204 -17.81 1.71 32.58
C GLY B 204 -17.15 0.43 33.03
N ASN B 205 -16.12 0.06 32.25
CA ASN B 205 -15.52 -1.28 32.40
C ASN B 205 -14.79 -1.48 33.73
N GLU B 206 -14.19 -0.41 34.27
CA GLU B 206 -13.54 -0.53 35.57
C GLU B 206 -14.55 -0.91 36.64
N GLN B 207 -15.68 -0.19 36.65
CA GLN B 207 -16.75 -0.51 37.59
C GLN B 207 -17.24 -1.93 37.38
N ILE B 208 -17.36 -2.35 36.13
CA ILE B 208 -17.79 -3.72 35.85
C ILE B 208 -16.84 -4.70 36.53
N GLN B 209 -15.53 -4.49 36.38
CA GLN B 209 -14.60 -5.43 37.01
C GLN B 209 -14.68 -5.36 38.53
N ALA B 210 -14.90 -4.17 39.08
CA ALA B 210 -15.07 -4.06 40.52
C ALA B 210 -16.22 -4.96 40.99
N VAL B 211 -17.35 -4.85 40.31
CA VAL B 211 -18.52 -5.66 40.65
C VAL B 211 -18.20 -7.15 40.49
N ILE B 212 -17.58 -7.52 39.37
CA ILE B 212 -17.30 -8.93 39.13
C ILE B 212 -16.42 -9.49 40.24
N ASP B 213 -15.39 -8.74 40.63
CA ASP B 213 -14.48 -9.21 41.66
C ASP B 213 -15.20 -9.35 43.00
N ALA B 214 -16.16 -8.49 43.26
CA ALA B 214 -16.94 -8.56 44.50
C ALA B 214 -17.75 -9.84 44.58
N GLY B 215 -17.90 -10.57 43.48
CA GLY B 215 -18.62 -11.81 43.49
C GLY B 215 -20.09 -11.66 43.21
N ALA B 216 -20.47 -10.66 42.39
CA ALA B 216 -21.88 -10.42 42.13
C ALA B 216 -22.42 -11.39 41.09
N LEU B 217 -21.57 -11.86 40.17
CA LEU B 217 -22.04 -12.70 39.07
C LEU B 217 -22.86 -13.89 39.54
N PRO B 218 -22.40 -14.69 40.50
CA PRO B 218 -23.20 -15.87 40.88
C PRO B 218 -24.55 -15.51 41.46
N ALA B 219 -24.62 -14.46 42.28
CA ALA B 219 -25.91 -14.05 42.83
C ALA B 219 -26.87 -13.66 41.73
N LEU B 220 -26.39 -12.91 40.74
CA LEU B 220 -27.24 -12.49 39.63
C LEU B 220 -27.75 -13.68 38.84
N VAL B 221 -26.85 -14.61 38.50
CA VAL B 221 -27.27 -15.81 37.78
C VAL B 221 -28.29 -16.59 38.59
N GLN B 222 -28.13 -16.63 39.91
CA GLN B 222 -29.13 -17.29 40.75
C GLN B 222 -30.47 -16.56 40.66
N LEU B 223 -30.45 -15.23 40.73
CA LEU B 223 -31.67 -14.46 40.69
C LEU B 223 -32.41 -14.60 39.38
N LEU B 224 -31.70 -14.92 38.30
CA LEU B 224 -32.35 -15.11 37.01
C LEU B 224 -33.50 -16.12 37.08
N SER B 225 -33.54 -16.96 38.11
CA SER B 225 -34.61 -17.95 38.28
C SER B 225 -35.71 -17.47 39.20
N SER B 226 -35.69 -16.19 39.57
CA SER B 226 -36.64 -15.67 40.52
C SER B 226 -38.07 -15.65 39.96
N PRO B 227 -39.07 -15.70 40.83
CA PRO B 227 -40.47 -15.53 40.40
C PRO B 227 -40.96 -14.09 40.47
N ASN B 228 -40.14 -13.15 40.93
CA ASN B 228 -40.52 -11.74 40.97
C ASN B 228 -40.00 -11.11 39.69
N GLU B 229 -40.89 -10.92 38.72
CA GLU B 229 -40.48 -10.45 37.40
C GLU B 229 -39.72 -9.13 37.47
N GLN B 230 -40.05 -8.26 38.41
CA GLN B 230 -39.28 -7.03 38.57
C GLN B 230 -37.82 -7.35 38.91
N ILE B 231 -37.61 -8.24 39.89
CA ILE B 231 -36.26 -8.65 40.25
C ILE B 231 -35.57 -9.27 39.06
N LEU B 232 -36.27 -10.15 38.35
CA LEU B 232 -35.68 -10.82 37.20
C LEU B 232 -35.21 -9.80 36.17
N GLN B 233 -36.08 -8.84 35.83
CA GLN B 233 -35.72 -7.83 34.84
C GLN B 233 -34.50 -7.03 35.28
N GLU B 234 -34.47 -6.60 36.55
CA GLU B 234 -33.29 -5.87 37.02
C GLU B 234 -32.04 -6.73 36.94
N ALA B 235 -32.16 -8.03 37.21
CA ALA B 235 -31.01 -8.92 37.09
C ALA B 235 -30.52 -8.99 35.65
N LEU B 236 -31.46 -9.12 34.70
CA LEU B 236 -31.08 -9.13 33.30
C LEU B 236 -30.41 -7.82 32.90
N TRP B 237 -30.95 -6.70 33.35
CA TRP B 237 -30.33 -5.40 33.09
C TRP B 237 -28.90 -5.36 33.61
N ALA B 238 -28.69 -5.80 34.85
CA ALA B 238 -27.35 -5.80 35.43
C ALA B 238 -26.38 -6.67 34.64
N LEU B 239 -26.83 -7.85 34.23
CA LEU B 239 -25.97 -8.75 33.46
C LEU B 239 -25.65 -8.12 32.11
N SER B 240 -26.64 -7.53 31.44
CA SER B 240 -26.36 -6.86 30.18
C SER B 240 -25.32 -5.78 30.35
N ASN B 241 -25.46 -4.95 31.39
CA ASN B 241 -24.50 -3.89 31.58
C ASN B 241 -23.10 -4.46 31.76
N ILE B 242 -22.96 -5.47 32.61
CA ILE B 242 -21.60 -5.98 32.81
C ILE B 242 -21.11 -6.71 31.55
N ALA B 243 -22.00 -7.25 30.72
CA ALA B 243 -21.56 -7.86 29.47
C ALA B 243 -21.28 -6.84 28.38
N SER B 244 -21.58 -5.56 28.61
CA SER B 244 -21.14 -4.50 27.71
C SER B 244 -19.64 -4.22 27.84
N GLY B 245 -18.95 -4.84 28.79
CA GLY B 245 -17.57 -4.56 29.05
C GLY B 245 -16.64 -5.37 28.19
N GLY B 246 -15.46 -5.66 28.74
CA GLY B 246 -14.45 -6.38 27.99
C GLY B 246 -14.81 -7.84 27.78
N ASN B 247 -14.07 -8.47 26.87
CA ASN B 247 -14.34 -9.86 26.54
C ASN B 247 -13.96 -10.79 27.68
N GLU B 248 -12.99 -10.42 28.50
CA GLU B 248 -12.71 -11.22 29.69
C GLU B 248 -13.89 -11.14 30.66
N GLN B 249 -14.51 -9.97 30.76
CA GLN B 249 -15.67 -9.81 31.64
C GLN B 249 -16.89 -10.53 31.07
N ILE B 250 -17.06 -10.49 29.75
CA ILE B 250 -18.10 -11.29 29.13
C ILE B 250 -17.88 -12.76 29.43
N GLN B 251 -16.62 -13.20 29.37
CA GLN B 251 -16.32 -14.60 29.66
C GLN B 251 -16.56 -14.92 31.13
N ALA B 252 -16.36 -13.96 32.03
CA ALA B 252 -16.75 -14.14 33.42
C ALA B 252 -18.25 -14.40 33.52
N VAL B 253 -19.04 -13.55 32.86
CA VAL B 253 -20.49 -13.74 32.84
C VAL B 253 -20.83 -15.12 32.30
N ILE B 254 -20.10 -15.57 31.27
CA ILE B 254 -20.39 -16.87 30.67
C ILE B 254 -20.02 -17.99 31.63
N ASP B 255 -18.88 -17.88 32.30
CA ASP B 255 -18.44 -18.93 33.21
C ASP B 255 -19.40 -19.08 34.37
N ALA B 256 -19.92 -17.95 34.87
CA ALA B 256 -20.88 -18.00 35.97
C ALA B 256 -22.11 -18.82 35.62
N GLY B 257 -22.29 -19.18 34.35
CA GLY B 257 -23.39 -20.04 33.96
C GLY B 257 -24.67 -19.27 33.63
N ALA B 258 -24.54 -18.14 32.95
CA ALA B 258 -25.71 -17.31 32.67
C ALA B 258 -26.44 -17.69 31.39
N LEU B 259 -25.72 -18.23 30.39
CA LEU B 259 -26.32 -18.42 29.07
C LEU B 259 -27.53 -19.36 29.06
N PRO B 260 -27.53 -20.48 29.76
CA PRO B 260 -28.73 -21.35 29.74
C PRO B 260 -29.98 -20.66 30.25
N ALA B 261 -29.88 -19.91 31.35
CA ALA B 261 -31.04 -19.18 31.85
C ALA B 261 -31.56 -18.19 30.81
N LEU B 262 -30.65 -17.50 30.13
CA LEU B 262 -31.06 -16.55 29.11
C LEU B 262 -31.80 -17.27 27.98
N VAL B 263 -31.22 -18.36 27.49
CA VAL B 263 -31.84 -19.08 26.39
C VAL B 263 -33.22 -19.59 26.80
N GLN B 264 -33.40 -19.99 28.07
CA GLN B 264 -34.73 -20.37 28.49
C GLN B 264 -35.67 -19.17 28.48
N LEU B 265 -35.26 -18.07 29.11
CA LEU B 265 -36.11 -16.88 29.17
C LEU B 265 -36.47 -16.38 27.79
N LEU B 266 -35.73 -16.78 26.76
CA LEU B 266 -36.09 -16.39 25.40
C LEU B 266 -37.52 -16.81 25.04
N SER B 267 -38.02 -17.92 25.61
CA SER B 267 -39.39 -18.36 25.36
C SER B 267 -40.38 -17.79 26.37
N SER B 268 -39.98 -16.75 27.09
CA SER B 268 -40.84 -16.21 28.14
C SER B 268 -41.99 -15.43 27.54
N PRO B 269 -43.18 -15.50 28.13
CA PRO B 269 -44.30 -14.69 27.65
C PRO B 269 -44.25 -13.23 28.10
N ASN B 270 -43.28 -12.85 28.91
CA ASN B 270 -43.13 -11.46 29.32
C ASN B 270 -42.23 -10.76 28.30
N GLU B 271 -42.80 -9.87 27.50
CA GLU B 271 -42.04 -9.25 26.42
C GLU B 271 -40.91 -8.38 26.95
N GLN B 272 -41.06 -7.81 28.15
CA GLN B 272 -39.98 -6.98 28.69
C GLN B 272 -38.83 -7.84 29.19
N ILE B 273 -39.13 -8.95 29.86
CA ILE B 273 -38.10 -9.92 30.23
C ILE B 273 -37.38 -10.42 28.98
N LEU B 274 -38.15 -10.70 27.92
CA LEU B 274 -37.54 -11.18 26.68
C LEU B 274 -36.66 -10.13 26.05
N GLN B 275 -37.09 -8.87 26.03
CA GLN B 275 -36.25 -7.81 25.50
C GLN B 275 -34.95 -7.71 26.28
N GLU B 276 -35.02 -7.80 27.61
CA GLU B 276 -33.80 -7.70 28.41
C GLU B 276 -32.88 -8.91 28.19
N ALA B 277 -33.47 -10.10 28.03
CA ALA B 277 -32.64 -11.28 27.77
C ALA B 277 -31.95 -11.20 26.43
N LEU B 278 -32.66 -10.73 25.39
CA LEU B 278 -32.04 -10.59 24.08
C LEU B 278 -30.95 -9.53 24.10
N TRP B 279 -31.18 -8.40 24.78
CA TRP B 279 -30.14 -7.40 24.94
C TRP B 279 -28.90 -8.03 25.58
N ALA B 280 -29.08 -8.79 26.65
CA ALA B 280 -27.93 -9.43 27.28
C ALA B 280 -27.22 -10.39 26.33
N LEU B 281 -27.98 -11.22 25.61
CA LEU B 281 -27.36 -12.18 24.70
C LEU B 281 -26.56 -11.47 23.61
N SER B 282 -27.12 -10.41 23.02
CA SER B 282 -26.39 -9.70 21.98
C SER B 282 -25.12 -9.09 22.55
N ASN B 283 -25.18 -8.54 23.77
CA ASN B 283 -23.95 -8.03 24.36
C ASN B 283 -22.92 -9.14 24.56
N ILE B 284 -23.33 -10.30 25.01
CA ILE B 284 -22.38 -11.39 25.18
C ILE B 284 -21.79 -11.76 23.82
N ALA B 285 -22.64 -11.97 22.83
CA ALA B 285 -22.17 -12.38 21.51
C ALA B 285 -21.40 -11.27 20.80
N SER B 286 -21.34 -10.08 21.38
CA SER B 286 -20.47 -9.05 20.82
C SER B 286 -18.99 -9.33 21.07
N GLY B 287 -18.66 -10.32 21.88
CA GLY B 287 -17.28 -10.61 22.23
C GLY B 287 -16.56 -11.37 21.14
N GLY B 288 -15.52 -12.09 21.56
CA GLY B 288 -14.70 -12.84 20.64
C GLY B 288 -15.35 -14.13 20.22
N ASN B 289 -14.60 -14.90 19.41
CA ASN B 289 -15.14 -16.14 18.87
C ASN B 289 -15.45 -17.14 19.97
N GLU B 290 -14.73 -17.07 21.09
CA GLU B 290 -14.99 -17.97 22.21
C GLU B 290 -16.35 -17.68 22.83
N GLN B 291 -16.63 -16.40 23.09
CA GLN B 291 -17.93 -16.01 23.64
C GLN B 291 -19.05 -16.32 22.66
N ILE B 292 -18.87 -16.00 21.38
CA ILE B 292 -19.91 -16.25 20.40
C ILE B 292 -20.18 -17.75 20.30
N GLN B 293 -19.12 -18.56 20.35
CA GLN B 293 -19.32 -19.99 20.29
C GLN B 293 -19.97 -20.51 21.56
N ALA B 294 -19.74 -19.86 22.70
CA ALA B 294 -20.46 -20.22 23.90
C ALA B 294 -21.95 -19.99 23.71
N VAL B 295 -22.29 -18.83 23.15
CA VAL B 295 -23.70 -18.50 22.90
C VAL B 295 -24.31 -19.49 21.91
N ILE B 296 -23.54 -19.90 20.90
CA ILE B 296 -24.03 -20.86 19.92
C ILE B 296 -24.27 -22.21 20.58
N ASP B 297 -23.32 -22.67 21.40
CA ASP B 297 -23.44 -23.95 22.08
C ASP B 297 -24.61 -23.97 23.06
N ALA B 298 -25.01 -22.81 23.58
CA ALA B 298 -26.17 -22.76 24.46
C ALA B 298 -27.48 -22.98 23.72
N GLY B 299 -27.46 -23.08 22.39
CA GLY B 299 -28.67 -23.33 21.64
C GLY B 299 -29.55 -22.11 21.42
N ALA B 300 -28.95 -20.92 21.31
CA ALA B 300 -29.74 -19.71 21.19
C ALA B 300 -30.26 -19.51 19.77
N LEU B 301 -29.50 -19.94 18.77
CA LEU B 301 -29.86 -19.63 17.38
C LEU B 301 -31.28 -20.02 17.01
N PRO B 302 -31.81 -21.19 17.40
CA PRO B 302 -33.20 -21.50 17.05
C PRO B 302 -34.19 -20.45 17.53
N ALA B 303 -34.09 -20.02 18.79
CA ALA B 303 -35.02 -19.03 19.31
C ALA B 303 -34.83 -17.68 18.61
N LEU B 304 -33.60 -17.32 18.27
CA LEU B 304 -33.37 -16.06 17.57
C LEU B 304 -33.98 -16.09 16.17
N VAL B 305 -33.70 -17.15 15.42
CA VAL B 305 -34.28 -17.28 14.10
C VAL B 305 -35.81 -17.24 14.19
N GLN B 306 -36.38 -17.91 15.20
CA GLN B 306 -37.82 -17.87 15.37
C GLN B 306 -38.30 -16.45 15.63
N LEU B 307 -37.56 -15.71 16.46
CA LEU B 307 -37.96 -14.34 16.79
C LEU B 307 -37.85 -13.42 15.59
N LEU B 308 -37.15 -13.83 14.54
CA LEU B 308 -37.13 -13.02 13.32
C LEU B 308 -38.53 -12.82 12.74
N SER B 309 -39.47 -13.75 12.96
CA SER B 309 -40.84 -13.60 12.49
C SER B 309 -41.77 -13.01 13.55
N SER B 310 -41.19 -12.32 14.54
CA SER B 310 -41.97 -11.76 15.63
C SER B 310 -42.78 -10.54 15.17
N PRO B 311 -43.96 -10.32 15.77
CA PRO B 311 -44.70 -9.09 15.45
C PRO B 311 -44.16 -7.88 16.21
N ASN B 312 -43.62 -8.10 17.40
CA ASN B 312 -43.05 -7.00 18.18
C ASN B 312 -41.74 -6.57 17.51
N GLU B 313 -41.71 -5.34 16.99
CA GLU B 313 -40.55 -4.89 16.24
C GLU B 313 -39.35 -4.58 17.12
N GLN B 314 -39.55 -4.28 18.39
CA GLN B 314 -38.40 -4.11 19.28
C GLN B 314 -37.71 -5.45 19.51
N ILE B 315 -38.50 -6.51 19.72
CA ILE B 315 -37.95 -7.84 19.87
C ILE B 315 -37.29 -8.30 18.58
N LEU B 316 -37.92 -8.01 17.44
CA LEU B 316 -37.31 -8.35 16.17
C LEU B 316 -35.96 -7.67 16.00
N GLN B 317 -35.92 -6.37 16.29
CA GLN B 317 -34.64 -5.65 16.19
C GLN B 317 -33.60 -6.31 17.06
N GLU B 318 -33.94 -6.62 18.31
CA GLU B 318 -32.92 -7.17 19.21
C GLU B 318 -32.48 -8.56 18.75
N ALA B 319 -33.39 -9.37 18.21
CA ALA B 319 -32.99 -10.68 17.70
C ALA B 319 -32.04 -10.52 16.51
N LEU B 320 -32.33 -9.59 15.61
CA LEU B 320 -31.41 -9.34 14.51
C LEU B 320 -30.05 -8.86 15.01
N TRP B 321 -30.07 -7.99 16.03
CA TRP B 321 -28.84 -7.52 16.63
C TRP B 321 -27.99 -8.67 17.15
N ALA B 322 -28.63 -9.60 17.88
CA ALA B 322 -27.90 -10.73 18.40
C ALA B 322 -27.35 -11.59 17.25
N LEU B 323 -28.20 -11.90 16.26
CA LEU B 323 -27.75 -12.73 15.15
C LEU B 323 -26.59 -12.09 14.40
N SER B 324 -26.63 -10.77 14.24
CA SER B 324 -25.53 -10.07 13.60
C SER B 324 -24.26 -10.22 14.42
N ASN B 325 -24.35 -9.96 15.73
CA ASN B 325 -23.14 -10.06 16.55
C ASN B 325 -22.57 -11.47 16.52
N ILE B 326 -23.44 -12.49 16.44
CA ILE B 326 -22.93 -13.84 16.27
C ILE B 326 -22.24 -13.97 14.92
N ALA B 327 -22.83 -13.36 13.88
CA ALA B 327 -22.28 -13.45 12.53
C ALA B 327 -20.96 -12.71 12.37
N SER B 328 -20.52 -11.98 13.39
CA SER B 328 -19.17 -11.43 13.37
C SER B 328 -18.19 -12.50 13.81
N GLY B 329 -16.91 -12.17 13.72
CA GLY B 329 -15.89 -13.10 14.17
C GLY B 329 -15.60 -14.16 13.13
N GLY B 330 -15.69 -15.42 13.53
CA GLY B 330 -15.19 -16.50 12.70
C GLY B 330 -16.22 -17.04 11.73
N ASN B 331 -15.73 -17.77 10.72
CA ASN B 331 -16.60 -18.39 9.73
C ASN B 331 -17.34 -19.60 10.29
N GLU B 332 -16.82 -20.23 11.34
CA GLU B 332 -17.57 -21.33 11.95
C GLU B 332 -18.90 -20.82 12.50
N GLN B 333 -18.86 -19.67 13.17
CA GLN B 333 -20.07 -19.06 13.73
C GLN B 333 -21.01 -18.61 12.63
N ILE B 334 -20.49 -17.98 11.57
CA ILE B 334 -21.33 -17.57 10.47
C ILE B 334 -22.02 -18.79 9.87
N GLN B 335 -21.30 -19.89 9.75
CA GLN B 335 -21.93 -21.11 9.25
C GLN B 335 -23.00 -21.62 10.20
N ALA B 336 -22.77 -21.49 11.51
CA ALA B 336 -23.79 -21.90 12.47
C ALA B 336 -25.08 -21.11 12.24
N VAL B 337 -24.94 -19.80 12.06
CA VAL B 337 -26.11 -18.96 11.79
C VAL B 337 -26.80 -19.39 10.51
N ILE B 338 -26.02 -19.76 9.49
CA ILE B 338 -26.63 -20.19 8.22
C ILE B 338 -27.43 -21.47 8.42
N ASP B 339 -26.87 -22.43 9.16
CA ASP B 339 -27.53 -23.71 9.36
C ASP B 339 -28.85 -23.55 10.12
N ALA B 340 -28.97 -22.52 10.96
CA ALA B 340 -30.19 -22.30 11.71
C ALA B 340 -31.31 -21.71 10.87
N GLY B 341 -31.08 -21.49 9.58
CA GLY B 341 -32.12 -21.02 8.69
C GLY B 341 -32.43 -19.56 8.82
N ALA B 342 -31.42 -18.73 9.11
CA ALA B 342 -31.62 -17.30 9.30
C ALA B 342 -31.61 -16.54 7.99
N LEU B 343 -30.90 -17.05 6.98
CA LEU B 343 -30.81 -16.33 5.71
C LEU B 343 -32.16 -16.13 5.05
N PRO B 344 -33.06 -17.12 4.99
CA PRO B 344 -34.39 -16.84 4.41
C PRO B 344 -35.09 -15.68 5.10
N ALA B 345 -35.13 -15.70 6.43
CA ALA B 345 -35.81 -14.64 7.16
C ALA B 345 -35.15 -13.29 6.92
N LEU B 346 -33.82 -13.27 6.80
CA LEU B 346 -33.13 -12.00 6.54
C LEU B 346 -33.42 -11.49 5.13
N VAL B 347 -33.43 -12.39 4.14
CA VAL B 347 -33.75 -11.98 2.79
C VAL B 347 -35.18 -11.46 2.72
N GLN B 348 -36.08 -12.08 3.47
CA GLN B 348 -37.45 -11.58 3.59
C GLN B 348 -37.48 -10.19 4.21
N LEU B 349 -36.79 -10.02 5.35
CA LEU B 349 -36.81 -8.74 6.05
C LEU B 349 -36.15 -7.63 5.26
N LEU B 350 -35.38 -7.96 4.22
CA LEU B 350 -34.86 -6.91 3.35
C LEU B 350 -35.99 -6.07 2.74
N SER B 351 -37.17 -6.65 2.55
CA SER B 351 -38.31 -5.92 2.02
C SER B 351 -39.22 -5.38 3.14
N SER B 352 -38.67 -5.16 4.33
CA SER B 352 -39.45 -4.64 5.44
C SER B 352 -39.75 -3.16 5.26
N PRO B 353 -40.93 -2.70 5.67
CA PRO B 353 -41.21 -1.25 5.63
C PRO B 353 -40.56 -0.49 6.76
N ASN B 354 -40.13 -1.16 7.82
CA ASN B 354 -39.48 -0.48 8.95
C ASN B 354 -38.02 -0.27 8.57
N GLU B 355 -37.61 0.99 8.40
CA GLU B 355 -36.26 1.26 7.93
C GLU B 355 -35.22 0.76 8.91
N GLN B 356 -35.52 0.81 10.21
CA GLN B 356 -34.54 0.35 11.19
C GLN B 356 -34.35 -1.16 11.07
N ILE B 357 -35.45 -1.90 10.96
CA ILE B 357 -35.34 -3.33 10.77
C ILE B 357 -34.64 -3.65 9.46
N LEU B 358 -34.78 -2.77 8.46
CA LEU B 358 -34.09 -2.98 7.19
C LEU B 358 -32.58 -2.83 7.37
N GLN B 359 -32.14 -1.77 8.03
CA GLN B 359 -30.73 -1.63 8.32
C GLN B 359 -30.22 -2.81 9.13
N GLU B 360 -31.02 -3.32 10.07
CA GLU B 360 -30.58 -4.43 10.89
C GLU B 360 -30.42 -5.70 10.06
N ALA B 361 -31.37 -5.99 9.18
CA ALA B 361 -31.23 -7.18 8.34
C ALA B 361 -30.05 -7.02 7.39
N LEU B 362 -29.81 -5.81 6.89
CA LEU B 362 -28.66 -5.61 6.02
C LEU B 362 -27.37 -5.86 6.79
N TRP B 363 -27.27 -5.31 8.01
CA TRP B 363 -26.09 -5.53 8.82
C TRP B 363 -25.86 -7.02 9.09
N ALA B 364 -26.93 -7.77 9.35
CA ALA B 364 -26.78 -9.21 9.55
C ALA B 364 -26.27 -9.89 8.29
N LEU B 365 -26.90 -9.62 7.15
CA LEU B 365 -26.50 -10.27 5.90
C LEU B 365 -25.07 -9.89 5.55
N SER B 366 -24.70 -8.64 5.81
CA SER B 366 -23.35 -8.19 5.55
C SER B 366 -22.35 -9.00 6.37
N ASN B 367 -22.59 -9.13 7.68
CA ASN B 367 -21.66 -9.90 8.49
C ASN B 367 -21.56 -11.32 7.96
N ILE B 368 -22.69 -11.90 7.55
CA ILE B 368 -22.64 -13.27 7.04
C ILE B 368 -21.78 -13.33 5.78
N ALA B 369 -21.90 -12.32 4.91
CA ALA B 369 -21.17 -12.32 3.66
C ALA B 369 -19.70 -11.93 3.81
N SER B 370 -19.27 -11.50 5.00
CA SER B 370 -17.85 -11.21 5.19
C SER B 370 -17.02 -12.48 5.29
N GLY B 371 -17.63 -13.62 5.56
CA GLY B 371 -16.92 -14.87 5.71
C GLY B 371 -16.35 -15.42 4.41
N GLY B 372 -16.30 -16.75 4.31
CA GLY B 372 -15.70 -17.38 3.17
C GLY B 372 -16.68 -17.60 2.05
N ASN B 373 -16.13 -18.08 0.92
CA ASN B 373 -16.94 -18.21 -0.29
C ASN B 373 -18.13 -19.14 -0.09
N GLU B 374 -18.02 -20.10 0.83
CA GLU B 374 -19.17 -20.96 1.11
C GLU B 374 -20.33 -20.14 1.66
N GLN B 375 -20.06 -19.30 2.67
CA GLN B 375 -21.10 -18.49 3.28
C GLN B 375 -21.63 -17.46 2.31
N ILE B 376 -20.75 -16.85 1.50
CA ILE B 376 -21.21 -15.89 0.50
C ILE B 376 -22.13 -16.57 -0.50
N GLN B 377 -21.75 -17.77 -0.96
CA GLN B 377 -22.61 -18.50 -1.88
C GLN B 377 -23.96 -18.86 -1.24
N ALA B 378 -23.96 -19.16 0.05
CA ALA B 378 -25.23 -19.43 0.73
C ALA B 378 -26.11 -18.18 0.76
N VAL B 379 -25.49 -17.01 0.98
CA VAL B 379 -26.22 -15.76 0.91
C VAL B 379 -26.81 -15.56 -0.47
N ILE B 380 -26.01 -15.84 -1.51
CA ILE B 380 -26.47 -15.64 -2.87
C ILE B 380 -27.65 -16.56 -3.16
N ASP B 381 -27.52 -17.85 -2.83
CA ASP B 381 -28.60 -18.79 -3.09
C ASP B 381 -29.89 -18.37 -2.39
N ALA B 382 -29.79 -17.73 -1.23
CA ALA B 382 -30.98 -17.25 -0.56
C ALA B 382 -31.67 -16.13 -1.32
N GLY B 383 -31.10 -15.69 -2.45
CA GLY B 383 -31.73 -14.66 -3.25
C GLY B 383 -31.61 -13.26 -2.70
N ALA B 384 -30.48 -12.92 -2.08
CA ALA B 384 -30.34 -11.60 -1.50
C ALA B 384 -30.02 -10.55 -2.56
N LEU B 385 -29.30 -10.95 -3.61
CA LEU B 385 -28.76 -9.98 -4.55
C LEU B 385 -29.82 -9.15 -5.26
N PRO B 386 -30.95 -9.70 -5.69
CA PRO B 386 -32.02 -8.83 -6.22
C PRO B 386 -32.43 -7.75 -5.24
N ALA B 387 -32.65 -8.11 -3.98
CA ALA B 387 -33.10 -7.14 -2.99
C ALA B 387 -32.03 -6.10 -2.72
N LEU B 388 -30.77 -6.54 -2.64
CA LEU B 388 -29.66 -5.62 -2.41
C LEU B 388 -29.50 -4.63 -3.56
N VAL B 389 -29.60 -5.14 -4.79
CA VAL B 389 -29.53 -4.27 -5.96
C VAL B 389 -30.68 -3.27 -5.92
N GLN B 390 -31.90 -3.75 -5.62
CA GLN B 390 -33.03 -2.83 -5.52
C GLN B 390 -32.73 -1.73 -4.51
N LEU B 391 -32.16 -2.10 -3.36
CA LEU B 391 -31.88 -1.13 -2.31
C LEU B 391 -30.76 -0.18 -2.69
N LEU B 392 -29.99 -0.50 -3.73
CA LEU B 392 -28.95 0.45 -4.14
C LEU B 392 -29.52 1.79 -4.58
N SER B 393 -30.72 1.82 -5.15
CA SER B 393 -31.31 3.06 -5.61
C SER B 393 -32.15 3.75 -4.55
N SER B 394 -32.04 3.31 -3.29
CA SER B 394 -32.88 3.84 -2.22
C SER B 394 -32.49 5.28 -1.90
N PRO B 395 -33.47 6.17 -1.71
CA PRO B 395 -33.14 7.53 -1.26
C PRO B 395 -32.63 7.60 0.18
N ASN B 396 -32.74 6.54 0.96
CA ASN B 396 -32.23 6.54 2.33
C ASN B 396 -30.74 6.25 2.35
N GLU B 397 -29.96 7.20 2.89
CA GLU B 397 -28.50 7.12 2.77
C GLU B 397 -27.91 6.04 3.67
N GLN B 398 -28.43 5.86 4.89
CA GLN B 398 -27.84 4.86 5.78
C GLN B 398 -28.15 3.44 5.27
N ILE B 399 -29.39 3.22 4.84
CA ILE B 399 -29.73 1.92 4.24
C ILE B 399 -28.87 1.68 3.02
N LEU B 400 -28.56 2.73 2.28
CA LEU B 400 -27.72 2.58 1.10
C LEU B 400 -26.29 2.20 1.47
N GLN B 401 -25.73 2.85 2.49
CA GLN B 401 -24.40 2.46 2.96
C GLN B 401 -24.39 1.00 3.39
N GLU B 402 -25.46 0.56 4.07
CA GLU B 402 -25.50 -0.83 4.51
C GLU B 402 -25.59 -1.77 3.32
N ALA B 403 -26.41 -1.43 2.33
CA ALA B 403 -26.52 -2.27 1.14
C ALA B 403 -25.19 -2.36 0.40
N LEU B 404 -24.46 -1.25 0.35
CA LEU B 404 -23.14 -1.26 -0.28
C LEU B 404 -22.15 -2.08 0.53
N TRP B 405 -22.23 -1.98 1.85
CA TRP B 405 -21.45 -2.88 2.70
C TRP B 405 -21.69 -4.33 2.31
N ALA B 406 -22.95 -4.74 2.29
CA ALA B 406 -23.25 -6.13 1.98
C ALA B 406 -22.72 -6.51 0.60
N LEU B 407 -22.86 -5.61 -0.38
CA LEU B 407 -22.46 -5.95 -1.74
C LEU B 407 -20.94 -5.99 -1.88
N SER B 408 -20.22 -5.07 -1.24
CA SER B 408 -18.77 -5.14 -1.32
C SER B 408 -18.26 -6.39 -0.61
N ASN B 409 -18.95 -6.85 0.44
CA ASN B 409 -18.52 -8.09 1.09
C ASN B 409 -18.82 -9.30 0.21
N ILE B 410 -19.97 -9.30 -0.46
CA ILE B 410 -20.29 -10.42 -1.34
C ILE B 410 -19.34 -10.45 -2.52
N ALA B 411 -18.96 -9.28 -3.02
CA ALA B 411 -18.00 -9.16 -4.11
C ALA B 411 -16.57 -9.45 -3.67
N SER B 412 -16.32 -9.64 -2.37
CA SER B 412 -15.00 -10.08 -1.96
C SER B 412 -14.77 -11.56 -2.26
N GLY B 413 -15.81 -12.28 -2.68
CA GLY B 413 -15.72 -13.72 -2.89
C GLY B 413 -14.97 -14.06 -4.15
N GLY B 414 -15.26 -15.25 -4.69
CA GLY B 414 -14.59 -15.72 -5.88
C GLY B 414 -15.16 -15.10 -7.14
N ASN B 415 -14.54 -15.47 -8.26
CA ASN B 415 -15.00 -14.93 -9.54
C ASN B 415 -16.44 -15.35 -9.83
N GLU B 416 -16.85 -16.53 -9.37
CA GLU B 416 -18.22 -16.98 -9.60
C GLU B 416 -19.22 -16.11 -8.85
N GLN B 417 -18.92 -15.76 -7.59
CA GLN B 417 -19.84 -14.90 -6.85
C GLN B 417 -19.85 -13.49 -7.42
N ILE B 418 -18.68 -12.97 -7.84
CA ILE B 418 -18.67 -11.65 -8.46
C ILE B 418 -19.50 -11.67 -9.74
N GLN B 419 -19.46 -12.78 -10.47
CA GLN B 419 -20.28 -12.86 -11.68
C GLN B 419 -21.76 -12.93 -11.35
N ALA B 420 -22.13 -13.62 -10.26
CA ALA B 420 -23.52 -13.61 -9.82
C ALA B 420 -23.98 -12.21 -9.45
N VAL B 421 -23.10 -11.43 -8.82
CA VAL B 421 -23.41 -10.03 -8.50
C VAL B 421 -23.58 -9.21 -9.77
N ILE B 422 -22.69 -9.43 -10.74
CA ILE B 422 -22.79 -8.69 -11.99
C ILE B 422 -24.10 -9.03 -12.71
N ASP B 423 -24.46 -10.33 -12.68
CA ASP B 423 -25.68 -10.79 -13.34
C ASP B 423 -26.93 -10.18 -12.73
N ALA B 424 -26.88 -9.77 -11.46
CA ALA B 424 -28.00 -9.11 -10.81
C ALA B 424 -28.10 -7.63 -11.15
N GLY B 425 -27.27 -7.16 -12.08
CA GLY B 425 -27.41 -5.79 -12.55
C GLY B 425 -26.95 -4.73 -11.57
N ALA B 426 -25.93 -5.04 -10.76
CA ALA B 426 -25.43 -4.06 -9.80
C ALA B 426 -24.49 -3.04 -10.43
N LEU B 427 -23.96 -3.33 -11.62
CA LEU B 427 -22.89 -2.50 -12.15
C LEU B 427 -23.42 -1.14 -12.60
N PRO B 428 -24.51 -1.04 -13.35
CA PRO B 428 -25.04 0.29 -13.71
C PRO B 428 -25.28 1.15 -12.48
N ALA B 429 -25.97 0.61 -11.47
CA ALA B 429 -26.30 1.37 -10.27
C ALA B 429 -25.07 1.71 -9.45
N LEU B 430 -24.06 0.84 -9.42
CA LEU B 430 -22.82 1.18 -8.72
C LEU B 430 -22.12 2.33 -9.41
N VAL B 431 -21.97 2.24 -10.74
CA VAL B 431 -21.34 3.32 -11.49
C VAL B 431 -22.11 4.62 -11.29
N GLN B 432 -23.44 4.53 -11.25
CA GLN B 432 -24.25 5.72 -11.00
C GLN B 432 -23.92 6.32 -9.63
N LEU B 433 -23.97 5.49 -8.58
CA LEU B 433 -23.64 5.94 -7.23
C LEU B 433 -22.26 6.55 -7.14
N LEU B 434 -21.35 6.11 -8.01
CA LEU B 434 -20.00 6.66 -8.04
C LEU B 434 -20.00 8.18 -8.25
N SER B 435 -21.11 8.76 -8.73
CA SER B 435 -21.22 10.19 -8.91
C SER B 435 -22.03 10.85 -7.81
N SER B 436 -22.04 10.25 -6.62
CA SER B 436 -22.89 10.79 -5.57
C SER B 436 -22.18 11.92 -4.83
N PRO B 437 -22.94 12.92 -4.37
CA PRO B 437 -22.33 13.93 -3.50
C PRO B 437 -21.82 13.38 -2.18
N ASN B 438 -22.48 12.35 -1.64
CA ASN B 438 -22.08 11.81 -0.35
C ASN B 438 -20.76 11.07 -0.48
N GLU B 439 -19.75 11.55 0.23
CA GLU B 439 -18.41 11.01 0.06
C GLU B 439 -18.30 9.59 0.60
N GLN B 440 -18.98 9.30 1.71
CA GLN B 440 -18.92 7.95 2.27
C GLN B 440 -19.63 6.95 1.38
N ILE B 441 -20.79 7.33 0.82
CA ILE B 441 -21.48 6.45 -0.11
C ILE B 441 -20.66 6.26 -1.37
N LEU B 442 -20.05 7.34 -1.86
CA LEU B 442 -19.14 7.22 -2.99
C LEU B 442 -18.04 6.22 -2.70
N GLN B 443 -17.43 6.34 -1.52
CA GLN B 443 -16.33 5.45 -1.15
C GLN B 443 -16.79 4.00 -1.05
N GLU B 444 -17.98 3.77 -0.50
CA GLU B 444 -18.49 2.40 -0.37
C GLU B 444 -18.76 1.79 -1.75
N ALA B 445 -19.45 2.54 -2.62
CA ALA B 445 -19.68 2.05 -3.98
C ALA B 445 -18.34 1.82 -4.69
N LEU B 446 -17.36 2.65 -4.38
CA LEU B 446 -16.03 2.50 -4.97
C LEU B 446 -15.39 1.20 -4.48
N TRP B 447 -15.54 0.90 -3.19
CA TRP B 447 -15.07 -0.40 -2.70
C TRP B 447 -15.74 -1.53 -3.46
N ALA B 448 -17.05 -1.41 -3.69
CA ALA B 448 -17.77 -2.48 -4.38
C ALA B 448 -17.20 -2.69 -5.78
N LEU B 449 -17.10 -1.60 -6.54
CA LEU B 449 -16.55 -1.70 -7.89
C LEU B 449 -15.14 -2.28 -7.87
N SER B 450 -14.35 -1.92 -6.87
CA SER B 450 -12.97 -2.41 -6.79
C SER B 450 -12.93 -3.92 -6.54
N ASN B 451 -13.80 -4.42 -5.65
CA ASN B 451 -13.85 -5.86 -5.43
C ASN B 451 -14.39 -6.58 -6.66
N ILE B 452 -15.17 -5.89 -7.48
CA ILE B 452 -15.57 -6.49 -8.74
C ILE B 452 -14.37 -6.56 -9.69
N ALA B 453 -13.60 -5.47 -9.76
CA ALA B 453 -12.39 -5.46 -10.58
C ALA B 453 -11.36 -6.46 -10.10
N SER B 454 -11.38 -6.83 -8.83
CA SER B 454 -10.39 -7.77 -8.32
C SER B 454 -10.61 -9.19 -8.80
N GLY B 455 -11.62 -9.40 -9.62
CA GLY B 455 -11.92 -10.73 -10.14
C GLY B 455 -11.08 -11.03 -11.37
N GLY B 456 -11.66 -11.82 -12.27
CA GLY B 456 -10.98 -12.21 -13.47
C GLY B 456 -11.07 -11.14 -14.53
N ASN B 457 -10.70 -11.51 -15.76
CA ASN B 457 -10.77 -10.58 -16.87
C ASN B 457 -12.19 -10.35 -17.33
N GLU B 458 -13.05 -11.37 -17.24
CA GLU B 458 -14.45 -11.21 -17.63
C GLU B 458 -15.14 -10.15 -16.79
N GLN B 459 -14.92 -10.18 -15.47
CA GLN B 459 -15.53 -9.19 -14.59
C GLN B 459 -14.99 -7.80 -14.86
N LYS B 460 -13.67 -7.69 -15.09
CA LYS B 460 -13.08 -6.40 -15.44
C LYS B 460 -13.68 -5.86 -16.73
N GLN B 461 -13.93 -6.75 -17.70
CA GLN B 461 -14.57 -6.35 -18.95
C GLN B 461 -15.98 -5.84 -18.70
N ALA B 462 -16.75 -6.57 -17.88
CA ALA B 462 -18.09 -6.11 -17.53
C ALA B 462 -18.05 -4.73 -16.90
N VAL B 463 -17.11 -4.49 -15.99
CA VAL B 463 -17.00 -3.18 -15.35
C VAL B 463 -16.65 -2.11 -16.36
N LYS B 464 -15.72 -2.40 -17.29
CA LYS B 464 -15.35 -1.42 -18.30
C LYS B 464 -16.55 -1.05 -19.16
N GLU B 465 -17.33 -2.05 -19.60
CA GLU B 465 -18.48 -1.78 -20.47
C GLU B 465 -19.53 -0.93 -19.76
N ALA B 466 -19.58 -0.99 -18.43
CA ALA B 466 -20.55 -0.23 -17.67
C ALA B 466 -20.18 1.24 -17.53
N GLY B 467 -19.12 1.70 -18.18
CA GLY B 467 -18.78 3.10 -18.12
C GLY B 467 -18.12 3.51 -16.82
N ALA B 468 -17.43 2.58 -16.15
CA ALA B 468 -16.76 2.88 -14.90
C ALA B 468 -15.49 3.69 -15.13
N LEU B 469 -14.78 3.41 -16.23
CA LEU B 469 -13.47 4.01 -16.44
C LEU B 469 -13.52 5.53 -16.43
N GLU B 470 -14.53 6.11 -17.09
CA GLU B 470 -14.61 7.57 -17.19
C GLU B 470 -14.69 8.20 -15.80
N LYS B 471 -15.64 7.75 -14.98
CA LYS B 471 -15.83 8.32 -13.66
C LYS B 471 -14.65 8.00 -12.74
N LEU B 472 -14.06 6.81 -12.89
CA LEU B 472 -12.91 6.45 -12.09
C LEU B 472 -11.75 7.40 -12.34
N GLU B 473 -11.47 7.71 -13.61
CA GLU B 473 -10.40 8.66 -13.89
C GLU B 473 -10.78 10.05 -13.40
N GLN B 474 -12.06 10.43 -13.54
CA GLN B 474 -12.48 11.72 -13.00
C GLN B 474 -12.20 11.80 -11.50
N LEU B 475 -12.39 10.69 -10.78
CA LEU B 475 -12.20 10.68 -9.32
C LEU B 475 -10.76 10.89 -8.89
N GLN B 476 -9.77 10.80 -9.80
CA GLN B 476 -8.40 11.04 -9.40
C GLN B 476 -8.19 12.46 -8.87
N SER B 477 -9.11 13.38 -9.19
CA SER B 477 -9.05 14.76 -8.71
C SER B 477 -9.99 15.04 -7.54
N HIS B 478 -10.54 14.00 -6.90
CA HIS B 478 -11.47 14.19 -5.81
C HIS B 478 -10.76 14.79 -4.59
N GLU B 479 -11.48 15.65 -3.86
CA GLU B 479 -10.89 16.33 -2.72
C GLU B 479 -10.37 15.36 -1.68
N ASN B 480 -11.09 14.26 -1.45
CA ASN B 480 -10.67 13.25 -0.48
C ASN B 480 -9.53 12.44 -1.08
N GLU B 481 -8.35 12.50 -0.46
CA GLU B 481 -7.20 11.82 -1.04
C GLU B 481 -7.35 10.30 -0.97
N LYS B 482 -7.99 9.79 0.09
CA LYS B 482 -8.25 8.36 0.15
C LYS B 482 -9.09 7.90 -1.03
N ILE B 483 -10.10 8.69 -1.41
CA ILE B 483 -10.92 8.33 -2.55
C ILE B 483 -10.10 8.36 -3.84
N GLN B 484 -9.23 9.37 -3.98
CA GLN B 484 -8.33 9.40 -5.13
C GLN B 484 -7.53 8.10 -5.23
N LYS B 485 -6.90 7.70 -4.13
CA LYS B 485 -6.05 6.52 -4.16
C LYS B 485 -6.86 5.26 -4.44
N GLU B 486 -8.04 5.15 -3.83
CA GLU B 486 -8.88 3.98 -4.07
C GLU B 486 -9.30 3.91 -5.54
N ALA B 487 -9.63 5.04 -6.14
CA ALA B 487 -10.00 5.05 -7.56
C ALA B 487 -8.81 4.66 -8.43
N GLN B 488 -7.61 5.14 -8.09
CA GLN B 488 -6.43 4.77 -8.85
C GLN B 488 -6.18 3.27 -8.76
N GLU B 489 -6.32 2.69 -7.57
CA GLU B 489 -6.14 1.26 -7.42
C GLU B 489 -7.16 0.48 -8.24
N ALA B 490 -8.41 0.95 -8.26
CA ALA B 490 -9.42 0.29 -9.09
C ALA B 490 -9.04 0.35 -10.57
N LEU B 491 -8.58 1.51 -11.03
CA LEU B 491 -8.13 1.64 -12.41
C LEU B 491 -7.02 0.64 -12.72
N GLU B 492 -6.02 0.56 -11.84
CA GLU B 492 -4.92 -0.38 -12.07
C GLU B 492 -5.41 -1.82 -12.12
N LYS B 493 -6.38 -2.15 -11.26
CA LYS B 493 -6.94 -3.50 -11.27
C LYS B 493 -7.60 -3.82 -12.61
N LEU B 494 -8.32 -2.84 -13.17
CA LEU B 494 -9.03 -3.08 -14.42
C LEU B 494 -8.08 -3.22 -15.61
N GLY B 495 -6.91 -2.59 -15.56
CA GLY B 495 -5.99 -2.63 -16.69
C GLY B 495 -4.86 -3.63 -16.60
N SER B 496 -5.02 -4.67 -15.77
CA SER B 496 -3.99 -5.68 -15.62
C SER B 496 -4.27 -6.89 -16.52
N LYS B 501 -17.66 -6.61 7.92
CA LYS B 501 -18.18 -7.21 9.16
C LYS B 501 -17.79 -6.37 10.39
N ARG B 502 -18.82 -5.89 11.11
CA ARG B 502 -18.65 -5.06 12.29
C ARG B 502 -19.47 -5.58 13.47
N LYS B 503 -19.09 -5.14 14.67
CA LYS B 503 -19.73 -5.52 15.92
C LYS B 503 -20.35 -4.30 16.58
N ARG B 504 -21.32 -4.54 17.47
CA ARG B 504 -22.03 -3.47 18.17
C ARG B 504 -22.42 -3.91 19.58
N LYS B 505 -22.32 -2.95 20.53
CA LYS B 505 -22.74 -3.14 21.91
C LYS B 505 -23.71 -2.05 22.34
N ARG B 506 -24.48 -2.36 23.39
CA ARG B 506 -25.48 -1.46 23.94
C ARG B 506 -25.43 -1.49 25.47
N LYS B 507 -25.58 -0.32 26.08
CA LYS B 507 -25.57 -0.20 27.54
C LYS B 507 -26.88 0.37 28.08
#